data_3HSK
#
_entry.id   3HSK
#
_cell.length_a   93.412
_cell.length_b   152.180
_cell.length_c   97.762
_cell.angle_alpha   90.000
_cell.angle_beta   90.000
_cell.angle_gamma   90.000
#
_symmetry.space_group_name_H-M   'C 2 2 21'
#
loop_
_entity.id
_entity.type
_entity.pdbx_description
1 polymer 'Aspartate-semialdehyde dehydrogenase'
2 non-polymer 'NADP NICOTINAMIDE-ADENINE-DINUCLEOTIDE PHOSPHATE'
3 water water
#
_entity_poly.entity_id   1
_entity_poly.type   'polypeptide(L)'
_entity_poly.pdbx_seq_one_letter_code
;HHHHHHSSGLVPRGSHMSVKKAGVLGATGSVGQRFILLLSKHPEFEIHALGASSRSAGKKYKDAASWKQTETLPETEQDI
VVQECKPEGNFLECDVVFSGLDADVAGDIEKSFVEAGLAVVSNAKNYRREKDVPLVVPIVNPEHIDVVENKVKQAVSKGG
KKPGFIICISNCSTAGLVAPLKPLVEKFGPIDALTTTTLQAISGAGFSPGVSGMDILDNIVPYISGEEDKLEWETKKILG
GVNAEGTEFVPIPESEMKVSAQCNRVPVIDGHTECISLRFANRPAPSVEDVKQCLREYECAASKLGCHSAPKQTIHVLDQ
PDRPQPRLDRDRDSGYGVSVGRIREDSLLDFKMVVLSHNTIIGAAGAGILIAEILKAKNII
;
_entity_poly.pdbx_strand_id   A,B
#
# COMPACT_ATOMS: atom_id res chain seq x y z
N SER A 18 22.97 -36.60 11.58
CA SER A 18 21.90 -37.60 11.87
C SER A 18 20.57 -37.21 11.23
N VAL A 19 19.86 -38.23 10.74
CA VAL A 19 18.63 -38.02 9.97
C VAL A 19 17.37 -38.29 10.81
N LYS A 20 16.53 -37.25 10.91
CA LYS A 20 15.24 -37.39 11.58
C LYS A 20 14.15 -37.72 10.54
N LYS A 21 13.15 -38.50 10.97
CA LYS A 21 12.08 -38.91 10.08
C LYS A 21 10.93 -37.89 10.08
N ALA A 22 10.54 -37.44 8.89
CA ALA A 22 9.55 -36.37 8.77
C ALA A 22 8.24 -36.81 8.11
N GLY A 23 7.13 -36.41 8.72
CA GLY A 23 5.81 -36.59 8.14
C GLY A 23 5.25 -35.26 7.66
N VAL A 24 4.32 -35.33 6.71
CA VAL A 24 3.62 -34.15 6.19
C VAL A 24 2.13 -34.41 6.11
N LEU A 25 1.37 -33.64 6.88
CA LEU A 25 -0.09 -33.69 6.85
C LEU A 25 -0.61 -32.64 5.88
N GLY A 26 -1.66 -32.97 5.14
CA GLY A 26 -2.18 -32.10 4.08
C GLY A 26 -1.14 -31.96 2.99
N ALA A 27 -0.52 -33.09 2.64
CA ALA A 27 0.65 -33.11 1.76
C ALA A 27 0.37 -32.70 0.32
N THR A 28 -0.87 -32.91 -0.12
CA THR A 28 -1.26 -32.65 -1.51
C THR A 28 -1.54 -31.16 -1.77
N GLY A 29 -1.85 -30.43 -0.71
CA GLY A 29 -2.14 -29.01 -0.82
C GLY A 29 -0.93 -28.18 -1.19
N SER A 30 -1.16 -26.90 -1.49
CA SER A 30 -0.13 -25.96 -1.92
C SER A 30 1.08 -25.86 -0.97
N VAL A 31 0.81 -25.59 0.32
CA VAL A 31 1.85 -25.50 1.35
C VAL A 31 2.51 -26.88 1.54
N GLY A 32 1.70 -27.93 1.55
CA GLY A 32 2.17 -29.31 1.64
C GLY A 32 3.17 -29.69 0.54
N GLN A 33 2.91 -29.22 -0.68
CA GLN A 33 3.80 -29.45 -1.82
C GLN A 33 5.17 -28.85 -1.56
N ARG A 34 5.20 -27.59 -1.13
CA ARG A 34 6.44 -26.86 -0.83
C ARG A 34 7.23 -27.48 0.32
N PHE A 35 6.52 -28.02 1.31
CA PHE A 35 7.17 -28.79 2.38
C PHE A 35 7.97 -29.96 1.83
N ILE A 36 7.32 -30.80 1.03
CA ILE A 36 7.94 -31.99 0.45
C ILE A 36 9.07 -31.60 -0.50
N LEU A 37 8.84 -30.55 -1.29
CA LEU A 37 9.86 -30.03 -2.20
C LEU A 37 11.14 -29.66 -1.45
N LEU A 38 10.99 -28.94 -0.34
CA LEU A 38 12.13 -28.54 0.49
C LEU A 38 12.82 -29.72 1.18
N LEU A 39 12.06 -30.49 1.94
CA LEU A 39 12.59 -31.65 2.69
C LEU A 39 13.30 -32.66 1.78
N SER A 40 12.97 -32.59 0.48
CA SER A 40 13.55 -33.47 -0.51
C SER A 40 15.04 -33.20 -0.73
N LYS A 41 15.44 -31.96 -0.50
CA LYS A 41 16.82 -31.51 -0.69
C LYS A 41 17.59 -31.47 0.64
N HIS A 42 16.88 -31.73 1.74
CA HIS A 42 17.48 -31.62 3.06
C HIS A 42 18.24 -32.89 3.45
N PRO A 43 19.53 -32.74 3.82
CA PRO A 43 20.41 -33.84 4.22
C PRO A 43 20.09 -34.41 5.61
N GLU A 44 19.34 -33.64 6.40
CA GLU A 44 19.09 -33.97 7.80
C GLU A 44 17.74 -34.65 8.00
N PHE A 45 16.85 -34.54 7.01
CA PHE A 45 15.50 -35.10 7.12
C PHE A 45 15.20 -36.19 6.09
N GLU A 46 14.30 -37.10 6.47
CA GLU A 46 13.84 -38.17 5.61
C GLU A 46 12.32 -38.13 5.56
N ILE A 47 11.77 -37.92 4.37
CA ILE A 47 10.33 -37.94 4.15
C ILE A 47 9.82 -39.38 4.33
N HIS A 48 9.08 -39.59 5.41
CA HIS A 48 8.71 -40.93 5.85
C HIS A 48 7.22 -41.23 5.70
N ALA A 49 6.39 -40.21 5.91
CA ALA A 49 4.93 -40.37 5.83
C ALA A 49 4.28 -39.13 5.21
N LEU A 50 3.30 -39.37 4.33
CA LEU A 50 2.51 -38.28 3.74
C LEU A 50 1.02 -38.50 4.00
N GLY A 51 0.32 -37.44 4.35
CA GLY A 51 -1.09 -37.53 4.68
C GLY A 51 -1.99 -36.54 3.96
N ALA A 52 -3.12 -37.04 3.47
CA ALA A 52 -4.18 -36.21 2.89
C ALA A 52 -5.55 -36.85 3.17
N SER A 53 -6.58 -36.37 2.48
CA SER A 53 -7.96 -36.88 2.67
C SER A 53 -8.19 -38.27 2.07
N SER A 54 -9.46 -38.70 2.13
CA SER A 54 -9.90 -39.98 1.54
C SER A 54 -9.75 -39.97 0.02
N ARG A 55 -9.94 -38.81 -0.59
CA ARG A 55 -9.80 -38.65 -2.03
C ARG A 55 -8.38 -38.88 -2.52
N SER A 56 -7.41 -38.83 -1.60
CA SER A 56 -5.99 -38.96 -1.91
C SER A 56 -5.38 -40.26 -1.38
N ALA A 57 -5.91 -40.74 -0.25
CA ALA A 57 -5.37 -41.92 0.41
C ALA A 57 -5.31 -43.12 -0.53
N GLY A 58 -4.18 -43.82 -0.54
CA GLY A 58 -3.99 -44.97 -1.42
C GLY A 58 -3.26 -44.65 -2.72
N LYS A 59 -3.32 -43.39 -3.14
CA LYS A 59 -2.63 -42.96 -4.35
C LYS A 59 -1.15 -42.66 -4.11
N LYS A 60 -0.33 -42.84 -5.14
CA LYS A 60 1.02 -42.29 -5.19
C LYS A 60 0.89 -40.78 -5.16
N TYR A 61 1.85 -40.11 -4.50
CA TYR A 61 1.79 -38.66 -4.37
C TYR A 61 1.59 -37.93 -5.70
N LYS A 62 2.28 -38.41 -6.75
CA LYS A 62 2.17 -37.81 -8.08
C LYS A 62 0.76 -37.85 -8.68
N ASP A 63 -0.03 -38.86 -8.30
CA ASP A 63 -1.41 -38.98 -8.78
C ASP A 63 -2.40 -38.26 -7.87
N ALA A 64 -2.05 -38.11 -6.60
CA ALA A 64 -2.91 -37.45 -5.62
C ALA A 64 -2.88 -35.94 -5.75
N ALA A 65 -1.73 -35.40 -6.16
CA ALA A 65 -1.52 -33.97 -6.18
C ALA A 65 -1.47 -33.36 -7.58
N SER A 66 -2.35 -32.40 -7.82
CA SER A 66 -2.22 -31.54 -9.00
C SER A 66 -1.12 -30.54 -8.68
N TRP A 67 0.10 -30.91 -9.10
CA TRP A 67 1.31 -30.18 -8.77
C TRP A 67 1.31 -28.77 -9.37
N LYS A 68 1.44 -27.76 -8.51
CA LYS A 68 1.42 -26.36 -8.94
C LYS A 68 2.73 -25.61 -8.64
N GLN A 69 3.84 -26.34 -8.55
CA GLN A 69 5.15 -25.73 -8.38
C GLN A 69 5.92 -25.72 -9.70
N THR A 70 6.63 -24.63 -9.97
CA THR A 70 7.43 -24.48 -11.20
C THR A 70 8.63 -25.43 -11.25
N GLU A 71 8.93 -26.07 -10.12
CA GLU A 71 9.99 -27.08 -10.04
C GLU A 71 9.37 -28.47 -9.94
N THR A 72 9.97 -29.44 -10.62
CA THR A 72 9.51 -30.84 -10.54
C THR A 72 10.08 -31.56 -9.31
N LEU A 73 9.43 -32.64 -8.93
CA LEU A 73 9.79 -33.41 -7.75
C LEU A 73 10.47 -34.71 -8.17
N PRO A 74 11.52 -35.13 -7.44
CA PRO A 74 12.20 -36.40 -7.71
C PRO A 74 11.27 -37.61 -7.72
N GLU A 75 11.68 -38.67 -8.40
CA GLU A 75 10.85 -39.86 -8.62
C GLU A 75 10.54 -40.63 -7.34
N THR A 76 11.53 -40.72 -6.45
CA THR A 76 11.39 -41.46 -5.19
C THR A 76 10.30 -40.86 -4.28
N GLU A 77 10.22 -39.53 -4.24
CA GLU A 77 9.13 -38.84 -3.54
C GLU A 77 7.82 -38.92 -4.32
N GLN A 78 7.93 -39.03 -5.64
CA GLN A 78 6.77 -39.04 -6.54
C GLN A 78 5.95 -40.32 -6.36
N ASP A 79 6.62 -41.40 -5.99
CA ASP A 79 6.00 -42.73 -5.87
C ASP A 79 5.49 -43.06 -4.46
N ILE A 80 5.75 -42.19 -3.49
CA ILE A 80 5.36 -42.48 -2.10
C ILE A 80 3.83 -42.45 -1.91
N VAL A 81 3.30 -43.48 -1.24
CA VAL A 81 1.87 -43.69 -1.14
C VAL A 81 1.24 -42.84 -0.03
N VAL A 82 0.36 -41.93 -0.45
CA VAL A 82 -0.34 -41.03 0.45
C VAL A 82 -1.26 -41.79 1.39
N GLN A 83 -1.19 -41.41 2.66
CA GLN A 83 -1.81 -42.12 3.76
C GLN A 83 -2.96 -41.27 4.29
N GLU A 84 -3.78 -41.85 5.16
CA GLU A 84 -4.83 -41.13 5.84
C GLU A 84 -4.21 -40.31 6.98
N CYS A 85 -4.81 -39.17 7.31
CA CYS A 85 -4.27 -38.30 8.36
C CYS A 85 -4.61 -38.80 9.77
N LYS A 86 -3.99 -39.92 10.15
CA LYS A 86 -4.15 -40.50 11.48
C LYS A 86 -2.78 -40.83 12.06
N PRO A 87 -2.59 -40.63 13.38
CA PRO A 87 -1.29 -40.91 14.00
C PRO A 87 -1.09 -42.43 14.11
N GLU A 88 -0.72 -43.02 12.98
CA GLU A 88 -0.82 -44.45 12.77
C GLU A 88 0.29 -44.93 11.84
N GLY A 89 0.83 -46.11 12.11
CA GLY A 89 1.84 -46.72 11.26
C GLY A 89 3.09 -45.88 11.09
N ASN A 90 3.26 -45.32 9.89
CA ASN A 90 4.43 -44.51 9.57
C ASN A 90 4.46 -43.17 10.30
N PHE A 91 3.28 -42.60 10.53
CA PHE A 91 3.17 -41.32 11.23
C PHE A 91 3.64 -41.40 12.69
N LEU A 92 3.38 -42.53 13.34
CA LEU A 92 3.88 -42.76 14.70
C LEU A 92 5.40 -42.92 14.75
N GLU A 93 6.01 -43.07 13.58
CA GLU A 93 7.46 -43.27 13.47
C GLU A 93 8.22 -41.97 13.18
N CYS A 94 7.48 -40.91 12.87
CA CYS A 94 8.06 -39.61 12.53
C CYS A 94 8.49 -38.84 13.78
N ASP A 95 9.71 -38.30 13.71
CA ASP A 95 10.27 -37.43 14.75
C ASP A 95 9.65 -36.04 14.73
N VAL A 96 9.14 -35.64 13.56
CA VAL A 96 8.50 -34.34 13.37
C VAL A 96 7.45 -34.43 12.26
N VAL A 97 6.30 -33.80 12.48
CA VAL A 97 5.19 -33.86 11.53
C VAL A 97 4.73 -32.46 11.12
N PHE A 98 5.07 -32.07 9.90
CA PHE A 98 4.66 -30.78 9.34
C PHE A 98 3.20 -30.83 8.89
N SER A 99 2.50 -29.71 8.96
CA SER A 99 1.09 -29.69 8.58
C SER A 99 0.67 -28.47 7.75
N GLY A 100 0.17 -28.75 6.55
CA GLY A 100 -0.47 -27.75 5.71
C GLY A 100 -1.93 -28.10 5.48
N LEU A 101 -2.53 -28.73 6.49
CA LEU A 101 -3.93 -29.13 6.46
C LEU A 101 -4.89 -27.95 6.38
N ASP A 102 -5.99 -28.16 5.67
CA ASP A 102 -7.11 -27.24 5.64
C ASP A 102 -7.65 -27.07 7.07
N ALA A 103 -7.98 -25.83 7.41
CA ALA A 103 -8.42 -25.46 8.76
C ALA A 103 -9.70 -26.15 9.21
N ASP A 104 -10.51 -26.58 8.24
CA ASP A 104 -11.77 -27.28 8.51
C ASP A 104 -11.54 -28.63 9.19
N VAL A 105 -10.38 -29.23 8.95
CA VAL A 105 -10.05 -30.55 9.48
C VAL A 105 -8.83 -30.56 10.40
N ALA A 106 -8.00 -29.53 10.30
CA ALA A 106 -6.74 -29.46 11.04
C ALA A 106 -6.93 -29.48 12.57
N GLY A 107 -7.97 -28.80 13.04
CA GLY A 107 -8.34 -28.80 14.46
C GLY A 107 -8.29 -30.17 15.09
N ASP A 108 -9.22 -31.05 14.68
CA ASP A 108 -9.32 -32.40 15.22
C ASP A 108 -8.06 -33.25 14.99
N ILE A 109 -7.53 -33.20 13.78
CA ILE A 109 -6.40 -34.05 13.36
C ILE A 109 -5.12 -33.76 14.12
N GLU A 110 -4.71 -32.49 14.15
CA GLU A 110 -3.47 -32.09 14.83
C GLU A 110 -3.53 -32.37 16.33
N LYS A 111 -4.72 -32.26 16.91
CA LYS A 111 -4.93 -32.56 18.33
C LYS A 111 -4.67 -34.04 18.62
N SER A 112 -5.20 -34.92 17.78
CA SER A 112 -4.95 -36.35 17.95
C SER A 112 -3.48 -36.72 17.71
N PHE A 113 -2.83 -35.99 16.81
CA PHE A 113 -1.38 -36.14 16.63
C PHE A 113 -0.59 -35.77 17.89
N VAL A 114 -0.93 -34.62 18.49
CA VAL A 114 -0.34 -34.20 19.76
C VAL A 114 -0.64 -35.23 20.85
N GLU A 115 -1.90 -35.65 20.94
CA GLU A 115 -2.34 -36.69 21.89
C GLU A 115 -1.54 -37.99 21.77
N ALA A 116 -1.14 -38.33 20.55
CA ALA A 116 -0.34 -39.54 20.29
C ALA A 116 1.15 -39.37 20.65
N GLY A 117 1.50 -38.20 21.17
CA GLY A 117 2.87 -37.92 21.61
C GLY A 117 3.79 -37.39 20.52
N LEU A 118 3.21 -36.86 19.45
CA LEU A 118 4.02 -36.47 18.29
C LEU A 118 4.36 -34.98 18.27
N ALA A 119 5.42 -34.65 17.55
CA ALA A 119 5.88 -33.27 17.40
C ALA A 119 5.31 -32.67 16.13
N VAL A 120 4.39 -31.72 16.28
CA VAL A 120 3.70 -31.11 15.14
C VAL A 120 4.15 -29.67 14.90
N VAL A 121 4.53 -29.38 13.66
CA VAL A 121 4.86 -28.02 13.23
C VAL A 121 3.85 -27.64 12.15
N SER A 122 2.90 -26.77 12.49
CA SER A 122 1.72 -26.56 11.64
C SER A 122 1.55 -25.16 11.06
N ASN A 123 1.17 -25.09 9.78
CA ASN A 123 0.82 -23.82 9.13
C ASN A 123 -0.69 -23.50 9.21
N ALA A 124 -1.47 -24.44 9.72
CA ALA A 124 -2.91 -24.20 9.94
C ALA A 124 -3.09 -23.14 11.02
N LYS A 125 -4.09 -22.29 10.83
CA LYS A 125 -4.36 -21.16 11.73
C LYS A 125 -4.98 -21.59 13.06
N ASN A 126 -5.54 -22.80 13.10
CA ASN A 126 -6.36 -23.30 14.21
C ASN A 126 -5.81 -23.05 15.61
N TYR A 127 -4.56 -23.45 15.84
CA TYR A 127 -3.99 -23.44 17.19
C TYR A 127 -3.04 -22.28 17.42
N ARG A 128 -2.97 -21.36 16.46
CA ARG A 128 -2.11 -20.19 16.55
C ARG A 128 -2.34 -19.36 17.81
N ARG A 129 -3.62 -19.14 18.14
CA ARG A 129 -3.99 -18.29 19.27
C ARG A 129 -4.14 -19.04 20.59
N GLU A 130 -3.84 -20.35 20.60
CA GLU A 130 -3.89 -21.12 21.85
C GLU A 130 -2.78 -20.67 22.80
N LYS A 131 -3.15 -20.49 24.07
CA LYS A 131 -2.26 -19.88 25.07
C LYS A 131 -0.92 -20.59 25.29
N ASP A 132 -0.92 -21.92 25.26
CA ASP A 132 0.32 -22.68 25.45
C ASP A 132 1.03 -23.08 24.15
N VAL A 133 0.60 -22.50 23.02
CA VAL A 133 1.18 -22.84 21.73
C VAL A 133 2.06 -21.72 21.18
N PRO A 134 3.37 -22.01 20.98
CA PRO A 134 4.26 -21.02 20.39
C PRO A 134 3.83 -20.67 18.97
N LEU A 135 3.80 -19.38 18.69
CA LEU A 135 3.54 -18.88 17.35
C LEU A 135 4.85 -18.28 16.87
N VAL A 136 5.51 -19.01 15.98
CA VAL A 136 6.92 -18.80 15.71
C VAL A 136 7.21 -18.37 14.26
N VAL A 137 7.81 -17.19 14.12
CA VAL A 137 8.56 -16.83 12.93
C VAL A 137 10.00 -17.13 13.33
N PRO A 138 10.56 -18.24 12.84
CA PRO A 138 11.83 -18.79 13.36
C PRO A 138 13.06 -17.89 13.28
N ILE A 139 13.02 -16.86 12.43
CA ILE A 139 14.11 -15.90 12.34
C ILE A 139 13.90 -14.71 13.28
N VAL A 140 12.81 -14.76 14.04
CA VAL A 140 12.42 -13.65 14.91
C VAL A 140 12.29 -14.06 16.38
N ASN A 141 11.39 -15.02 16.68
CA ASN A 141 11.14 -15.43 18.05
C ASN A 141 11.36 -16.93 18.32
N PRO A 142 12.54 -17.48 17.96
CA PRO A 142 12.79 -18.89 18.24
C PRO A 142 12.77 -19.22 19.75
N GLU A 143 12.89 -18.18 20.58
CA GLU A 143 12.96 -18.37 22.04
C GLU A 143 11.61 -18.78 22.62
N HIS A 144 10.54 -18.48 21.88
CA HIS A 144 9.22 -18.88 22.30
C HIS A 144 9.05 -20.41 22.31
N ILE A 145 9.96 -21.10 21.64
CA ILE A 145 10.01 -22.56 21.67
C ILE A 145 10.46 -23.12 23.05
N ASP A 146 11.12 -22.29 23.85
CA ASP A 146 11.55 -22.69 25.21
C ASP A 146 10.37 -23.22 26.02
N VAL A 147 9.19 -22.67 25.76
CA VAL A 147 7.97 -23.11 26.46
C VAL A 147 7.74 -24.61 26.29
N VAL A 148 7.82 -25.11 25.05
CA VAL A 148 7.67 -26.54 24.81
C VAL A 148 8.93 -27.30 25.23
N GLU A 149 10.09 -26.67 25.04
CA GLU A 149 11.38 -27.24 25.41
C GLU A 149 11.45 -27.62 26.90
N ASN A 150 11.03 -26.69 27.76
CA ASN A 150 10.99 -26.93 29.20
C ASN A 150 9.97 -28.01 29.55
N LYS A 151 8.78 -27.92 28.96
CA LYS A 151 7.73 -28.92 29.15
C LYS A 151 8.22 -30.33 28.79
N VAL A 152 8.86 -30.46 27.62
CA VAL A 152 9.33 -31.74 27.11
C VAL A 152 10.45 -32.31 27.97
N LYS A 153 11.47 -31.49 28.22
CA LYS A 153 12.69 -31.94 28.89
C LYS A 153 12.48 -32.24 30.36
N GLN A 154 11.60 -31.49 31.00
CA GLN A 154 11.23 -31.77 32.38
C GLN A 154 10.41 -33.05 32.50
N ALA A 155 9.57 -33.32 31.49
CA ALA A 155 8.76 -34.54 31.46
C ALA A 155 9.61 -35.81 31.34
N VAL A 156 10.62 -35.76 30.47
CA VAL A 156 11.48 -36.89 30.20
C VAL A 156 12.53 -37.12 31.31
N SER A 157 12.95 -36.03 31.97
CA SER A 157 13.93 -36.11 33.05
C SER A 157 13.36 -36.80 34.28
N LYS A 158 12.03 -36.75 34.41
CA LYS A 158 11.33 -37.44 35.48
C LYS A 158 11.01 -38.89 35.08
N GLY A 159 11.53 -39.30 33.93
CA GLY A 159 11.42 -40.69 33.47
C GLY A 159 10.21 -41.00 32.61
N GLY A 160 9.28 -40.05 32.54
CA GLY A 160 8.03 -40.23 31.79
C GLY A 160 8.16 -40.12 30.27
N LYS A 161 7.02 -40.35 29.60
CA LYS A 161 6.93 -40.30 28.14
C LYS A 161 6.98 -38.86 27.61
N LYS A 162 7.77 -38.65 26.56
CA LYS A 162 7.82 -37.36 25.84
C LYS A 162 6.41 -36.92 25.44
N PRO A 163 5.96 -35.76 25.95
CA PRO A 163 4.55 -35.36 25.92
C PRO A 163 3.92 -35.20 24.54
N GLY A 164 4.66 -34.63 23.58
CA GLY A 164 4.06 -34.31 22.28
C GLY A 164 3.43 -32.93 22.33
N PHE A 165 3.57 -32.18 21.25
CA PHE A 165 3.25 -30.75 21.27
C PHE A 165 2.98 -30.23 19.87
N ILE A 166 2.56 -28.97 19.80
CA ILE A 166 2.41 -28.28 18.52
C ILE A 166 3.06 -26.88 18.55
N ILE A 167 3.82 -26.58 17.51
CA ILE A 167 4.33 -25.24 17.25
C ILE A 167 3.73 -24.72 15.94
N CYS A 168 3.15 -23.52 15.98
CA CYS A 168 2.47 -22.95 14.83
C CYS A 168 3.34 -21.98 14.01
N ILE A 169 3.18 -22.07 12.69
CA ILE A 169 3.90 -21.23 11.75
C ILE A 169 3.04 -20.03 11.36
N SER A 170 3.58 -18.81 11.52
CA SER A 170 2.89 -17.60 11.08
C SER A 170 2.92 -17.49 9.56
N ASN A 171 1.98 -16.71 9.01
CA ASN A 171 1.94 -16.43 7.58
C ASN A 171 3.09 -15.55 7.07
N CYS A 172 3.36 -15.66 5.76
CA CYS A 172 4.34 -14.85 5.05
CA CYS A 172 4.37 -14.86 5.06
C CYS A 172 4.21 -13.34 5.33
N SER A 173 2.97 -12.85 5.46
CA SER A 173 2.70 -11.44 5.75
C SER A 173 3.08 -11.00 7.15
N THR A 174 2.71 -11.80 8.14
CA THR A 174 3.09 -11.55 9.53
C THR A 174 4.61 -11.62 9.64
N ALA A 175 5.18 -12.69 9.10
CA ALA A 175 6.62 -12.91 9.11
C ALA A 175 7.42 -11.75 8.48
N GLY A 176 6.89 -11.19 7.39
CA GLY A 176 7.51 -10.03 6.75
C GLY A 176 7.47 -8.77 7.63
N LEU A 177 6.36 -8.60 8.33
CA LEU A 177 6.20 -7.43 9.19
C LEU A 177 7.16 -7.46 10.37
N VAL A 178 7.23 -8.59 11.07
CA VAL A 178 8.04 -8.70 12.30
C VAL A 178 9.53 -8.86 12.07
N ALA A 179 9.89 -9.40 10.90
CA ALA A 179 11.28 -9.70 10.57
C ALA A 179 12.27 -8.56 10.82
N PRO A 180 12.03 -7.37 10.25
CA PRO A 180 12.92 -6.26 10.60
C PRO A 180 12.73 -5.71 12.03
N LEU A 181 11.57 -5.94 12.62
CA LEU A 181 11.26 -5.38 13.94
C LEU A 181 12.10 -5.97 15.08
N LYS A 182 12.51 -7.24 14.95
CA LYS A 182 13.22 -7.92 16.04
C LYS A 182 14.57 -7.30 16.40
N PRO A 183 15.51 -7.17 15.42
CA PRO A 183 16.76 -6.47 15.73
C PRO A 183 16.52 -5.07 16.30
N LEU A 184 15.56 -4.35 15.73
CA LEU A 184 15.22 -3.00 16.19
C LEU A 184 14.72 -2.97 17.63
N VAL A 185 13.94 -3.98 18.02
CA VAL A 185 13.43 -4.09 19.40
C VAL A 185 14.52 -4.53 20.36
N GLU A 186 15.44 -5.37 19.89
CA GLU A 186 16.59 -5.79 20.69
C GLU A 186 17.52 -4.62 21.04
N LYS A 187 17.80 -3.79 20.03
CA LYS A 187 18.72 -2.68 20.21
C LYS A 187 18.06 -1.46 20.86
N PHE A 188 16.87 -1.08 20.39
CA PHE A 188 16.25 0.19 20.81
C PHE A 188 15.01 0.05 21.68
N GLY A 189 14.66 -1.17 22.06
CA GLY A 189 13.53 -1.38 22.98
C GLY A 189 12.17 -1.41 22.31
N PRO A 190 11.11 -1.63 23.11
CA PRO A 190 9.76 -1.90 22.57
C PRO A 190 9.24 -0.87 21.56
N ILE A 191 8.44 -1.36 20.62
CA ILE A 191 7.73 -0.53 19.65
C ILE A 191 6.28 -0.46 20.12
N ASP A 192 5.79 0.75 20.34
CA ASP A 192 4.44 0.95 20.85
C ASP A 192 3.41 1.29 19.78
N ALA A 193 3.89 1.60 18.57
CA ALA A 193 3.01 1.95 17.45
C ALA A 193 3.52 1.39 16.13
N LEU A 194 2.63 0.75 15.38
CA LEU A 194 3.01 0.05 14.15
C LEU A 194 1.90 0.03 13.10
N THR A 195 2.21 0.53 11.90
CA THR A 195 1.30 0.41 10.75
C THR A 195 1.93 -0.40 9.65
N THR A 196 1.09 -0.99 8.81
CA THR A 196 1.50 -1.68 7.60
C THR A 196 0.38 -1.69 6.56
N THR A 197 0.71 -1.26 5.35
CA THR A 197 -0.15 -1.48 4.20
C THR A 197 0.54 -2.48 3.30
N THR A 198 -0.12 -3.61 3.06
CA THR A 198 0.48 -4.66 2.26
C THR A 198 0.09 -4.57 0.78
N LEU A 199 1.00 -5.03 -0.06
CA LEU A 199 0.77 -5.20 -1.47
C LEU A 199 1.11 -6.66 -1.74
N GLN A 200 0.10 -7.52 -1.66
CA GLN A 200 0.32 -8.98 -1.64
C GLN A 200 0.16 -9.66 -2.99
N ALA A 201 1.09 -10.57 -3.27
CA ALA A 201 1.17 -11.30 -4.51
C ALA A 201 0.17 -12.45 -4.55
N ILE A 202 -0.03 -13.01 -5.75
CA ILE A 202 -1.03 -14.06 -5.98
C ILE A 202 -0.66 -15.38 -5.32
N SER A 203 0.58 -15.81 -5.51
CA SER A 203 1.03 -17.17 -5.18
C SER A 203 0.59 -17.62 -3.78
N GLY A 210 -8.08 -19.43 -4.10
CA GLY A 210 -7.27 -19.01 -5.24
C GLY A 210 -7.71 -17.68 -5.83
N VAL A 211 -6.76 -16.99 -6.48
CA VAL A 211 -7.02 -15.69 -7.09
C VAL A 211 -7.04 -15.82 -8.62
N SER A 212 -8.23 -15.64 -9.21
CA SER A 212 -8.37 -15.78 -10.66
C SER A 212 -7.81 -14.57 -11.41
N GLY A 213 -7.48 -14.77 -12.69
CA GLY A 213 -7.00 -13.68 -13.53
C GLY A 213 -8.07 -12.62 -13.65
N MET A 214 -9.31 -13.08 -13.70
CA MET A 214 -10.52 -12.27 -13.75
C MET A 214 -10.61 -11.29 -12.57
N ASP A 215 -10.28 -11.78 -11.37
CA ASP A 215 -10.27 -10.98 -10.15
C ASP A 215 -9.20 -9.90 -10.14
N ILE A 216 -8.01 -10.22 -10.66
CA ILE A 216 -6.81 -9.45 -10.32
C ILE A 216 -6.12 -8.67 -11.45
N LEU A 217 -6.28 -9.12 -12.69
CA LEU A 217 -5.58 -8.49 -13.81
C LEU A 217 -6.03 -7.04 -13.95
N ASP A 218 -5.06 -6.12 -14.10
CA ASP A 218 -5.33 -4.69 -14.17
C ASP A 218 -6.25 -4.22 -13.03
N ASN A 219 -6.01 -4.76 -11.83
CA ASN A 219 -6.90 -4.50 -10.71
C ASN A 219 -6.19 -4.59 -9.37
N ILE A 220 -6.89 -4.10 -8.34
CA ILE A 220 -6.45 -4.21 -6.96
C ILE A 220 -7.65 -4.58 -6.10
N VAL A 221 -7.49 -5.62 -5.30
CA VAL A 221 -8.52 -6.03 -4.36
C VAL A 221 -8.09 -5.60 -2.96
N PRO A 222 -8.74 -4.57 -2.41
CA PRO A 222 -8.30 -4.00 -1.13
C PRO A 222 -8.85 -4.78 0.07
N TYR A 223 -8.84 -6.10 -0.02
CA TYR A 223 -9.40 -6.95 1.01
C TYR A 223 -8.89 -8.37 0.85
N ILE A 224 -8.24 -8.88 1.89
CA ILE A 224 -7.89 -10.29 1.99
C ILE A 224 -8.53 -10.77 3.29
N SER A 225 -9.47 -11.71 3.17
CA SER A 225 -10.29 -12.15 4.29
C SER A 225 -9.49 -12.63 5.51
N GLY A 226 -9.69 -11.96 6.64
CA GLY A 226 -9.02 -12.30 7.90
C GLY A 226 -7.58 -11.83 8.05
N GLU A 227 -6.99 -11.30 6.98
CA GLU A 227 -5.55 -10.99 6.93
C GLU A 227 -5.13 -9.89 7.91
N GLU A 228 -5.95 -8.85 8.04
CA GLU A 228 -5.63 -7.69 8.89
C GLU A 228 -5.68 -8.03 10.39
N ASP A 229 -6.72 -8.75 10.81
CA ASP A 229 -6.83 -9.23 12.19
C ASP A 229 -5.67 -10.17 12.53
N LYS A 230 -5.36 -11.09 11.62
CA LYS A 230 -4.20 -11.95 11.68
C LYS A 230 -2.93 -11.12 11.94
N LEU A 231 -2.67 -10.19 11.04
CA LEU A 231 -1.49 -9.34 11.10
C LEU A 231 -1.39 -8.56 12.41
N GLU A 232 -2.50 -7.96 12.83
CA GLU A 232 -2.55 -7.14 14.03
C GLU A 232 -2.39 -7.96 15.33
N TRP A 233 -3.05 -9.11 15.39
CA TRP A 233 -3.02 -9.96 16.58
C TRP A 233 -1.76 -10.79 16.71
N GLU A 234 -1.33 -11.42 15.62
CA GLU A 234 -0.18 -12.32 15.64
C GLU A 234 1.13 -11.61 15.99
N THR A 235 1.31 -10.39 15.48
CA THR A 235 2.52 -9.65 15.75
C THR A 235 2.69 -9.37 17.25
N LYS A 236 1.57 -9.15 17.95
CA LYS A 236 1.56 -8.94 19.39
C LYS A 236 2.01 -10.16 20.19
N LYS A 237 1.63 -11.35 19.72
CA LYS A 237 2.07 -12.60 20.34
C LYS A 237 3.53 -12.89 20.05
N ILE A 238 3.93 -12.71 18.78
CA ILE A 238 5.28 -13.03 18.33
C ILE A 238 6.33 -12.16 19.01
N LEU A 239 5.99 -10.89 19.23
CA LEU A 239 6.87 -9.94 19.90
C LEU A 239 6.58 -9.90 21.42
N GLY A 240 5.60 -10.70 21.86
CA GLY A 240 5.19 -10.75 23.27
C GLY A 240 6.05 -11.64 24.14
N GLY A 241 5.53 -12.01 25.30
CA GLY A 241 6.29 -12.78 26.28
C GLY A 241 5.57 -13.98 26.83
N VAL A 242 5.98 -14.41 28.02
CA VAL A 242 5.38 -15.56 28.72
C VAL A 242 4.91 -15.17 30.12
N ASN A 243 3.91 -15.89 30.64
CA ASN A 243 3.42 -15.65 31.99
C ASN A 243 4.43 -16.07 33.07
N ALA A 244 4.18 -15.68 34.32
CA ALA A 244 5.07 -15.98 35.43
C ALA A 244 5.31 -17.48 35.58
N GLU A 245 4.26 -18.29 35.38
CA GLU A 245 4.37 -19.74 35.48
C GLU A 245 5.17 -20.37 34.32
N GLY A 246 5.42 -19.58 33.27
CA GLY A 246 6.22 -20.02 32.13
C GLY A 246 5.59 -21.09 31.26
N THR A 247 4.26 -21.19 31.29
CA THR A 247 3.51 -22.22 30.55
C THR A 247 2.65 -21.64 29.43
N GLU A 248 2.29 -20.36 29.57
CA GLU A 248 1.43 -19.68 28.59
C GLU A 248 2.02 -18.37 28.12
N PHE A 249 1.65 -17.97 26.92
CA PHE A 249 2.15 -16.74 26.33
C PHE A 249 1.31 -15.54 26.74
N VAL A 250 2.00 -14.43 27.00
CA VAL A 250 1.34 -13.17 27.27
C VAL A 250 1.76 -12.19 26.17
N PRO A 251 0.91 -12.05 25.13
CA PRO A 251 1.14 -11.10 24.04
C PRO A 251 1.15 -9.67 24.54
N ILE A 252 1.93 -8.82 23.89
CA ILE A 252 1.95 -7.38 24.18
C ILE A 252 0.51 -6.88 24.28
N PRO A 253 0.12 -6.32 25.44
CA PRO A 253 -1.24 -5.77 25.55
C PRO A 253 -1.47 -4.58 24.61
N GLU A 254 -2.75 -4.35 24.31
CA GLU A 254 -3.19 -3.32 23.38
C GLU A 254 -2.80 -1.90 23.83
N SER A 255 -2.78 -1.68 25.15
CA SER A 255 -2.36 -0.40 25.74
C SER A 255 -0.87 -0.14 25.59
N GLU A 256 -0.13 -1.16 25.18
CA GLU A 256 1.32 -1.11 25.10
C GLU A 256 1.85 -1.04 23.67
N MET A 257 1.07 -1.54 22.72
CA MET A 257 1.43 -1.50 21.30
C MET A 257 0.18 -1.45 20.44
N LYS A 258 0.14 -0.48 19.55
CA LYS A 258 -0.94 -0.35 18.57
C LYS A 258 -0.43 -0.84 17.24
N VAL A 259 -1.24 -1.67 16.58
CA VAL A 259 -0.88 -2.24 15.29
C VAL A 259 -2.05 -2.06 14.33
N SER A 260 -1.78 -1.42 13.19
CA SER A 260 -2.82 -1.14 12.21
C SER A 260 -2.44 -1.70 10.86
N ALA A 261 -3.24 -2.65 10.37
CA ALA A 261 -2.98 -3.31 9.09
C ALA A 261 -4.01 -2.96 8.03
N GLN A 262 -3.54 -2.77 6.80
CA GLN A 262 -4.40 -2.62 5.64
C GLN A 262 -3.84 -3.51 4.53
N CYS A 263 -4.59 -4.55 4.18
CA CYS A 263 -4.07 -5.55 3.26
C CYS A 263 -4.71 -5.48 1.89
N ASN A 264 -3.88 -5.66 0.86
CA ASN A 264 -4.31 -5.56 -0.53
C ASN A 264 -3.67 -6.65 -1.38
N ARG A 265 -4.45 -7.21 -2.30
CA ARG A 265 -3.94 -8.10 -3.32
C ARG A 265 -3.60 -7.27 -4.55
N VAL A 266 -2.45 -7.56 -5.16
CA VAL A 266 -2.00 -6.82 -6.34
C VAL A 266 -1.70 -7.80 -7.49
N PRO A 267 -1.64 -7.29 -8.74
CA PRO A 267 -1.37 -8.18 -9.87
C PRO A 267 0.13 -8.51 -10.00
N VAL A 268 0.64 -9.23 -9.00
CA VAL A 268 2.05 -9.61 -8.92
C VAL A 268 2.08 -11.09 -8.56
N ILE A 269 2.91 -11.84 -9.27
CA ILE A 269 2.92 -13.30 -9.09
C ILE A 269 3.59 -13.75 -7.79
N ASP A 270 4.77 -13.20 -7.49
CA ASP A 270 5.55 -13.61 -6.32
C ASP A 270 6.23 -12.45 -5.59
N GLY A 271 6.05 -12.41 -4.27
CA GLY A 271 6.75 -11.48 -3.39
C GLY A 271 5.83 -10.44 -2.78
N HIS A 272 5.62 -10.53 -1.47
CA HIS A 272 4.76 -9.56 -0.76
C HIS A 272 5.56 -8.32 -0.38
N THR A 273 4.97 -7.16 -0.66
CA THR A 273 5.55 -5.87 -0.29
C THR A 273 4.71 -5.30 0.86
N GLU A 274 5.38 -4.72 1.86
CA GLU A 274 4.70 -4.05 2.96
C GLU A 274 5.32 -2.68 3.19
N CYS A 275 4.46 -1.67 3.18
CA CYS A 275 4.83 -0.31 3.49
C CYS A 275 4.54 -0.07 4.96
N ILE A 276 5.60 -0.04 5.77
CA ILE A 276 5.43 -0.02 7.22
C ILE A 276 5.86 1.28 7.87
N SER A 277 5.28 1.54 9.04
CA SER A 277 5.59 2.71 9.86
C SER A 277 5.77 2.20 11.29
N LEU A 278 6.72 2.79 12.02
CA LEU A 278 6.95 2.39 13.42
C LEU A 278 7.41 3.53 14.35
N ARG A 279 7.07 3.40 15.63
CA ARG A 279 7.51 4.32 16.69
C ARG A 279 8.04 3.52 17.88
N PHE A 280 9.16 3.98 18.43
CA PHE A 280 9.70 3.40 19.66
C PHE A 280 9.07 4.00 20.92
N ALA A 281 8.89 3.16 21.94
CA ALA A 281 8.38 3.61 23.25
C ALA A 281 9.39 4.49 23.98
N ASN A 282 10.68 4.15 23.85
CA ASN A 282 11.75 4.86 24.53
C ASN A 282 12.30 5.99 23.67
N ARG A 283 12.50 7.15 24.29
CA ARG A 283 12.95 8.35 23.59
C ARG A 283 14.41 8.67 23.90
N PRO A 284 15.11 9.34 22.95
CA PRO A 284 14.58 9.71 21.66
C PRO A 284 14.76 8.58 20.64
N ALA A 285 14.09 8.69 19.50
CA ALA A 285 14.31 7.79 18.37
C ALA A 285 15.78 7.81 17.99
N PRO A 286 16.32 6.65 17.56
CA PRO A 286 17.67 6.61 17.02
C PRO A 286 17.77 7.36 15.69
N SER A 287 18.94 7.35 15.07
CA SER A 287 19.09 7.96 13.76
C SER A 287 18.82 6.92 12.67
N VAL A 288 18.52 7.40 11.46
CA VAL A 288 18.28 6.52 10.31
C VAL A 288 19.45 5.58 10.07
N GLU A 289 20.67 6.10 10.23
CA GLU A 289 21.85 5.27 9.99
C GLU A 289 22.00 4.18 11.04
N ASP A 290 21.66 4.49 12.29
CA ASP A 290 21.64 3.49 13.37
C ASP A 290 20.63 2.37 13.07
N VAL A 291 19.42 2.78 12.64
CA VAL A 291 18.38 1.82 12.23
C VAL A 291 18.87 0.91 11.10
N LYS A 292 19.36 1.54 10.03
CA LYS A 292 19.88 0.80 8.87
C LYS A 292 21.04 -0.11 9.27
N GLN A 293 21.97 0.41 10.06
CA GLN A 293 23.09 -0.39 10.57
C GLN A 293 22.62 -1.54 11.45
N CYS A 294 21.62 -1.30 12.30
CA CYS A 294 21.05 -2.36 13.12
C CYS A 294 20.48 -3.50 12.26
N LEU A 295 19.76 -3.15 11.19
CA LEU A 295 19.15 -4.13 10.30
C LEU A 295 20.16 -4.92 9.48
N ARG A 296 21.21 -4.25 9.00
CA ARG A 296 22.20 -4.94 8.18
C ARG A 296 23.14 -5.82 9.01
N GLU A 297 23.24 -5.54 10.30
CA GLU A 297 24.14 -6.27 11.20
C GLU A 297 23.52 -7.49 11.88
N TYR A 298 22.20 -7.59 11.87
CA TYR A 298 21.50 -8.63 12.63
C TYR A 298 21.78 -10.04 12.12
N GLU A 299 22.17 -10.92 13.05
CA GLU A 299 22.19 -12.35 12.81
C GLU A 299 21.22 -12.99 13.77
N CYS A 300 20.28 -13.76 13.21
CA CYS A 300 19.22 -14.39 14.01
C CYS A 300 19.79 -15.49 14.90
N ALA A 301 19.09 -15.76 16.01
CA ALA A 301 19.50 -16.79 16.96
C ALA A 301 19.69 -18.15 16.31
N ALA A 302 18.87 -18.46 15.30
CA ALA A 302 18.91 -19.74 14.58
C ALA A 302 20.19 -19.94 13.77
N SER A 303 20.74 -18.85 13.25
CA SER A 303 22.03 -18.89 12.57
C SER A 303 23.14 -19.20 13.57
N LYS A 304 23.07 -18.58 14.75
CA LYS A 304 24.05 -18.79 15.81
C LYS A 304 24.01 -20.22 16.37
N LEU A 305 22.83 -20.83 16.36
CA LEU A 305 22.68 -22.24 16.75
C LEU A 305 23.25 -23.19 15.70
N GLY A 306 23.58 -22.64 14.52
CA GLY A 306 24.18 -23.40 13.44
C GLY A 306 23.19 -24.15 12.56
N CYS A 307 21.92 -23.75 12.63
CA CYS A 307 20.85 -24.39 11.85
C CYS A 307 21.09 -24.32 10.34
N HIS A 308 20.80 -25.43 9.68
CA HIS A 308 21.14 -25.66 8.27
C HIS A 308 20.47 -24.71 7.27
N SER A 309 19.21 -24.36 7.53
CA SER A 309 18.42 -23.54 6.61
C SER A 309 18.33 -22.07 7.05
N ALA A 310 19.08 -21.72 8.09
CA ALA A 310 19.04 -20.35 8.62
C ALA A 310 19.95 -19.42 7.83
N PRO A 311 19.45 -18.21 7.52
CA PRO A 311 20.33 -17.23 6.88
C PRO A 311 21.22 -16.57 7.93
N LYS A 312 22.47 -16.27 7.57
CA LYS A 312 23.35 -15.53 8.46
C LYS A 312 22.69 -14.19 8.73
N GLN A 313 22.61 -13.37 7.69
CA GLN A 313 21.90 -12.11 7.73
C GLN A 313 20.45 -12.31 7.27
N THR A 314 19.50 -11.92 8.12
CA THR A 314 18.08 -12.06 7.79
C THR A 314 17.55 -10.89 6.94
N ILE A 315 18.27 -9.77 6.94
CA ILE A 315 17.82 -8.55 6.26
C ILE A 315 18.83 -7.99 5.26
N HIS A 316 18.37 -7.74 4.05
CA HIS A 316 19.18 -7.03 3.06
C HIS A 316 18.69 -5.59 2.94
N VAL A 317 19.47 -4.67 3.50
CA VAL A 317 19.19 -3.24 3.42
C VAL A 317 19.62 -2.73 2.03
N LEU A 318 18.69 -2.07 1.33
CA LEU A 318 18.94 -1.55 -0.01
C LEU A 318 18.91 -0.02 -0.01
N ASP A 319 19.89 0.58 -0.67
CA ASP A 319 20.07 2.05 -0.66
C ASP A 319 19.45 2.76 -1.86
N GLN A 320 19.18 2.02 -2.93
CA GLN A 320 18.53 2.59 -4.11
C GLN A 320 17.12 3.06 -3.71
N PRO A 321 16.75 4.29 -4.09
CA PRO A 321 15.49 4.89 -3.64
C PRO A 321 14.21 4.22 -4.15
N ASP A 322 14.33 3.33 -5.13
CA ASP A 322 13.16 2.64 -5.70
C ASP A 322 13.16 1.14 -5.42
N ARG A 323 13.85 0.75 -4.35
CA ARG A 323 14.00 -0.66 -3.99
C ARG A 323 13.49 -0.90 -2.56
N PRO A 324 13.02 -2.13 -2.27
CA PRO A 324 12.92 -3.32 -3.14
C PRO A 324 11.75 -3.34 -4.12
N GLN A 325 11.89 -4.08 -5.22
CA GLN A 325 10.79 -4.37 -6.14
C GLN A 325 10.64 -5.87 -6.25
N PRO A 326 9.39 -6.39 -6.17
CA PRO A 326 9.14 -7.84 -6.17
C PRO A 326 9.83 -8.57 -7.30
N ARG A 327 9.77 -8.02 -8.51
CA ARG A 327 10.26 -8.71 -9.70
C ARG A 327 11.78 -8.72 -9.83
N LEU A 328 12.44 -7.59 -9.57
CA LEU A 328 13.90 -7.55 -9.71
C LEU A 328 14.70 -8.00 -8.46
N ASP A 329 14.04 -8.06 -7.30
CA ASP A 329 14.72 -8.50 -6.07
C ASP A 329 14.27 -9.86 -5.54
N ARG A 330 13.43 -10.56 -6.31
CA ARG A 330 12.88 -11.85 -5.88
C ARG A 330 13.95 -12.92 -5.74
N ASP A 331 14.73 -13.11 -6.80
CA ASP A 331 15.79 -14.11 -6.83
C ASP A 331 17.05 -13.59 -6.14
N ARG A 332 17.47 -12.39 -6.54
CA ARG A 332 18.65 -11.70 -6.01
C ARG A 332 18.82 -11.90 -4.49
N ASP A 333 17.75 -11.63 -3.75
CA ASP A 333 17.75 -11.67 -2.29
C ASP A 333 17.03 -12.89 -1.70
N SER A 334 16.89 -13.96 -2.48
CA SER A 334 16.17 -15.15 -2.02
C SER A 334 16.81 -15.82 -0.80
N GLY A 335 18.06 -15.47 -0.51
CA GLY A 335 18.76 -15.98 0.67
C GLY A 335 18.46 -15.21 1.96
N TYR A 336 17.79 -14.07 1.84
CA TYR A 336 17.41 -13.26 2.99
C TYR A 336 15.95 -13.49 3.38
N GLY A 337 15.63 -13.24 4.65
CA GLY A 337 14.26 -13.30 5.12
C GLY A 337 13.43 -12.23 4.46
N VAL A 338 13.96 -11.00 4.50
CA VAL A 338 13.33 -9.84 3.89
C VAL A 338 14.36 -8.93 3.21
N SER A 339 13.90 -8.19 2.20
CA SER A 339 14.64 -7.05 1.68
C SER A 339 13.95 -5.84 2.23
N VAL A 340 14.73 -4.85 2.67
CA VAL A 340 14.18 -3.64 3.22
C VAL A 340 14.83 -2.43 2.53
N GLY A 341 13.99 -1.49 2.10
CA GLY A 341 14.47 -0.28 1.42
C GLY A 341 13.78 0.97 1.88
N ARG A 342 14.25 2.11 1.39
CA ARG A 342 13.67 3.42 1.69
C ARG A 342 13.49 3.70 3.18
N ILE A 343 14.40 3.17 4.00
CA ILE A 343 14.37 3.44 5.45
C ILE A 343 14.61 4.94 5.65
N ARG A 344 13.66 5.60 6.29
CA ARG A 344 13.73 7.03 6.46
C ARG A 344 12.88 7.48 7.62
N GLU A 345 13.12 8.71 8.06
CA GLU A 345 12.37 9.32 9.14
C GLU A 345 10.91 9.51 8.74
N ASP A 346 10.02 9.30 9.70
CA ASP A 346 8.59 9.42 9.46
C ASP A 346 8.04 10.73 10.00
N SER A 347 6.87 11.10 9.49
CA SER A 347 6.21 12.36 9.82
C SER A 347 5.20 12.17 10.93
N LEU A 348 4.78 10.93 11.17
CA LEU A 348 3.79 10.65 12.18
C LEU A 348 4.37 9.80 13.30
N LEU A 349 4.99 8.70 12.91
CA LEU A 349 5.74 7.87 13.82
C LEU A 349 7.22 8.19 13.64
N ASP A 350 8.11 7.25 13.97
CA ASP A 350 9.55 7.53 13.93
C ASP A 350 10.16 7.25 12.56
N PHE A 351 9.88 6.06 12.04
CA PHE A 351 10.48 5.60 10.78
C PHE A 351 9.45 4.92 9.90
N LYS A 352 9.64 5.06 8.59
CA LYS A 352 8.94 4.27 7.61
C LYS A 352 9.93 3.60 6.68
N MET A 353 9.52 2.47 6.11
CA MET A 353 10.36 1.67 5.22
C MET A 353 9.51 0.69 4.41
N VAL A 354 10.12 0.05 3.42
CA VAL A 354 9.43 -0.84 2.51
C VAL A 354 10.05 -2.22 2.64
N VAL A 355 9.22 -3.24 2.86
CA VAL A 355 9.68 -4.60 3.11
C VAL A 355 9.22 -5.56 2.01
N LEU A 356 10.16 -6.31 1.46
CA LEU A 356 9.86 -7.36 0.52
C LEU A 356 10.18 -8.69 1.18
N SER A 357 9.14 -9.51 1.34
CA SER A 357 9.29 -10.81 1.93
C SER A 357 9.90 -11.77 0.91
N HIS A 358 10.57 -12.79 1.41
CA HIS A 358 11.08 -13.87 0.56
C HIS A 358 10.55 -15.19 1.05
N ASN A 359 9.73 -15.81 0.20
CA ASN A 359 9.03 -17.05 0.52
C ASN A 359 9.97 -18.20 0.88
N THR A 360 11.14 -18.21 0.25
CA THR A 360 12.14 -19.25 0.45
C THR A 360 12.53 -19.41 1.91
N ILE A 361 12.61 -18.28 2.62
CA ILE A 361 13.06 -18.24 4.01
C ILE A 361 11.89 -18.14 5.00
N ILE A 362 11.02 -17.15 4.81
CA ILE A 362 9.94 -16.89 5.76
C ILE A 362 8.57 -17.44 5.34
N GLY A 363 8.53 -18.18 4.23
CA GLY A 363 7.30 -18.87 3.81
C GLY A 363 7.03 -20.05 4.73
N ALA A 364 5.76 -20.48 4.78
CA ALA A 364 5.33 -21.57 5.65
C ALA A 364 6.26 -22.76 5.63
N ALA A 365 6.62 -23.19 4.42
CA ALA A 365 7.50 -24.35 4.23
C ALA A 365 8.91 -24.11 4.77
N GLY A 366 9.49 -22.97 4.42
CA GLY A 366 10.84 -22.60 4.87
C GLY A 366 10.89 -22.35 6.36
N ALA A 367 9.86 -21.72 6.89
CA ALA A 367 9.74 -21.48 8.33
C ALA A 367 9.61 -22.79 9.07
N GLY A 368 8.80 -23.69 8.51
CA GLY A 368 8.55 -25.01 9.10
C GLY A 368 9.79 -25.85 9.29
N ILE A 369 10.64 -25.88 8.26
CA ILE A 369 11.88 -26.65 8.28
C ILE A 369 12.85 -26.09 9.34
N LEU A 370 12.95 -24.77 9.39
CA LEU A 370 13.83 -24.09 10.34
C LEU A 370 13.42 -24.37 11.79
N ILE A 371 12.11 -24.33 12.06
CA ILE A 371 11.59 -24.69 13.39
C ILE A 371 12.02 -26.10 13.78
N ALA A 372 11.92 -27.03 12.84
CA ALA A 372 12.32 -28.43 13.06
C ALA A 372 13.82 -28.56 13.32
N GLU A 373 14.62 -27.72 12.65
CA GLU A 373 16.07 -27.65 12.89
C GLU A 373 16.37 -27.11 14.28
N ILE A 374 15.65 -26.06 14.68
CA ILE A 374 15.75 -25.52 16.02
C ILE A 374 15.36 -26.60 17.05
N LEU A 375 14.30 -27.35 16.76
CA LEU A 375 13.90 -28.47 17.61
C LEU A 375 14.96 -29.57 17.64
N LYS A 376 15.59 -29.82 16.49
CA LYS A 376 16.66 -30.82 16.36
C LYS A 376 17.86 -30.46 17.23
N ALA A 377 18.43 -29.27 17.00
CA ALA A 377 19.33 -28.64 17.97
C ALA A 377 18.46 -28.38 19.19
N LYS A 378 19.06 -28.30 20.37
CA LYS A 378 18.27 -28.20 21.61
C LYS A 378 17.54 -29.51 21.97
N ASN A 379 17.72 -30.54 21.13
CA ASN A 379 17.33 -31.93 21.43
C ASN A 379 15.90 -32.11 21.94
N ILE A 380 14.94 -31.56 21.20
CA ILE A 380 13.52 -31.66 21.53
C ILE A 380 12.86 -32.77 20.69
N ILE A 381 13.41 -33.01 19.50
CA ILE A 381 12.91 -34.08 18.62
C ILE A 381 14.00 -35.10 18.33
N VAL B 19 -19.57 32.20 -23.53
CA VAL B 19 -18.60 31.15 -24.00
C VAL B 19 -17.15 31.65 -23.87
N LYS B 20 -16.38 30.95 -23.04
CA LYS B 20 -15.00 31.35 -22.75
C LYS B 20 -14.01 30.71 -23.68
N LYS B 21 -12.99 31.47 -24.06
CA LYS B 21 -11.95 30.99 -24.95
C LYS B 21 -10.78 30.44 -24.11
N ALA B 22 -10.35 29.23 -24.43
CA ALA B 22 -9.36 28.52 -23.63
C ALA B 22 -8.06 28.26 -24.38
N GLY B 23 -6.94 28.59 -23.72
CA GLY B 23 -5.62 28.21 -24.18
C GLY B 23 -5.15 26.96 -23.46
N VAL B 24 -4.24 26.22 -24.08
CA VAL B 24 -3.57 25.10 -23.43
C VAL B 24 -2.07 25.17 -23.71
N LEU B 25 -1.29 25.37 -22.64
CA LEU B 25 0.18 25.32 -22.75
C LEU B 25 0.66 23.88 -22.54
N GLY B 26 1.72 23.51 -23.26
CA GLY B 26 2.20 22.13 -23.26
C GLY B 26 1.11 21.20 -23.76
N ALA B 27 0.48 21.58 -24.87
CA ALA B 27 -0.71 20.91 -25.39
C ALA B 27 -0.46 19.47 -25.86
N THR B 28 0.75 19.22 -26.35
CA THR B 28 1.12 17.90 -26.87
C THR B 28 1.37 16.84 -25.80
N GLY B 29 1.63 17.29 -24.57
CA GLY B 29 1.91 16.38 -23.45
C GLY B 29 0.68 15.65 -22.93
N SER B 30 0.92 14.70 -22.03
CA SER B 30 -0.13 13.87 -21.43
C SER B 30 -1.26 14.67 -20.75
N VAL B 31 -0.90 15.74 -20.05
CA VAL B 31 -1.89 16.59 -19.40
C VAL B 31 -2.60 17.48 -20.43
N GLY B 32 -1.82 18.04 -21.36
CA GLY B 32 -2.36 18.83 -22.48
C GLY B 32 -3.42 18.08 -23.26
N GLN B 33 -3.09 16.85 -23.66
CA GLN B 33 -4.02 15.95 -24.37
C GLN B 33 -5.35 15.79 -23.65
N ARG B 34 -5.28 15.56 -22.33
CA ARG B 34 -6.46 15.40 -21.47
C ARG B 34 -7.27 16.70 -21.38
N PHE B 35 -6.58 17.83 -21.33
CA PHE B 35 -7.23 19.15 -21.32
C PHE B 35 -8.01 19.33 -22.63
N ILE B 36 -7.34 19.07 -23.75
CA ILE B 36 -7.95 19.26 -25.08
C ILE B 36 -9.17 18.36 -25.25
N LEU B 37 -9.00 17.07 -24.95
CA LEU B 37 -10.06 16.07 -25.02
C LEU B 37 -11.29 16.51 -24.22
N LEU B 38 -11.08 16.88 -22.96
CA LEU B 38 -12.17 17.24 -22.07
C LEU B 38 -12.85 18.56 -22.46
N LEU B 39 -12.05 19.48 -23.02
CA LEU B 39 -12.58 20.75 -23.53
C LEU B 39 -13.44 20.58 -24.78
N SER B 40 -13.08 19.62 -25.63
CA SER B 40 -13.84 19.34 -26.86
C SER B 40 -15.24 18.78 -26.57
N LYS B 41 -15.41 18.18 -25.40
CA LYS B 41 -16.70 17.65 -24.96
C LYS B 41 -17.46 18.69 -24.12
N HIS B 42 -16.95 19.92 -24.13
CA HIS B 42 -17.49 20.96 -23.27
C HIS B 42 -17.99 22.16 -24.06
N PRO B 43 -19.29 22.47 -23.97
CA PRO B 43 -19.87 23.52 -24.79
C PRO B 43 -19.53 24.94 -24.31
N GLU B 44 -19.34 25.10 -23.00
CA GLU B 44 -19.00 26.39 -22.40
C GLU B 44 -17.64 26.97 -22.83
N PHE B 45 -16.76 26.11 -23.36
CA PHE B 45 -15.42 26.53 -23.78
C PHE B 45 -15.14 26.40 -25.28
N GLU B 46 -14.25 27.25 -25.78
CA GLU B 46 -13.70 27.10 -27.12
C GLU B 46 -12.19 26.91 -27.03
N ILE B 47 -11.69 25.83 -27.66
CA ILE B 47 -10.25 25.59 -27.74
C ILE B 47 -9.67 26.59 -28.73
N HIS B 48 -8.96 27.59 -28.21
CA HIS B 48 -8.60 28.79 -28.95
C HIS B 48 -7.10 28.90 -29.27
N ALA B 49 -6.27 28.35 -28.40
CA ALA B 49 -4.82 28.34 -28.65
C ALA B 49 -4.16 27.11 -28.04
N LEU B 50 -3.24 26.53 -28.80
CA LEU B 50 -2.47 25.40 -28.32
C LEU B 50 -0.99 25.72 -28.41
N GLY B 51 -0.28 25.53 -27.30
CA GLY B 51 1.16 25.77 -27.26
C GLY B 51 1.98 24.53 -26.98
N ALA B 52 3.17 24.46 -27.57
CA ALA B 52 4.14 23.41 -27.29
C ALA B 52 5.56 23.85 -27.66
N SER B 53 6.50 22.91 -27.62
CA SER B 53 7.90 23.16 -28.01
C SER B 53 8.04 23.72 -29.43
N SER B 54 9.16 24.36 -29.70
CA SER B 54 9.43 24.96 -31.01
C SER B 54 9.55 23.94 -32.14
N ARG B 55 9.76 22.68 -31.77
CA ARG B 55 9.81 21.57 -32.72
C ARG B 55 8.41 21.05 -33.06
N SER B 56 7.42 21.53 -32.30
CA SER B 56 6.01 21.28 -32.58
C SER B 56 5.35 22.48 -33.28
N ALA B 57 5.73 23.68 -32.87
CA ALA B 57 5.17 24.93 -33.41
C ALA B 57 5.04 24.96 -34.93
N GLY B 58 3.91 25.48 -35.41
CA GLY B 58 3.63 25.59 -36.84
C GLY B 58 3.03 24.36 -37.49
N LYS B 59 2.74 23.34 -36.69
CA LYS B 59 2.17 22.09 -37.19
C LYS B 59 0.73 21.88 -36.70
N LYS B 60 -0.07 21.18 -37.50
CA LYS B 60 -1.39 20.72 -37.07
C LYS B 60 -1.21 19.88 -35.81
N TYR B 61 -2.22 19.87 -34.94
CA TYR B 61 -2.11 19.16 -33.67
C TYR B 61 -1.92 17.65 -33.82
N LYS B 62 -2.54 17.08 -34.86
CA LYS B 62 -2.41 15.64 -35.13
C LYS B 62 -1.01 15.26 -35.63
N ASP B 63 -0.32 16.22 -36.23
CA ASP B 63 1.05 16.02 -36.72
C ASP B 63 2.08 16.37 -35.65
N ALA B 64 1.65 17.06 -34.59
CA ALA B 64 2.54 17.49 -33.52
C ALA B 64 2.51 16.54 -32.32
N ALA B 65 1.39 15.84 -32.14
CA ALA B 65 1.18 15.02 -30.96
C ALA B 65 1.09 13.54 -31.24
N SER B 66 1.61 12.74 -30.31
CA SER B 66 1.38 11.31 -30.29
C SER B 66 0.20 11.07 -29.36
N TRP B 67 -0.98 10.86 -29.94
CA TRP B 67 -2.20 10.74 -29.17
C TRP B 67 -2.20 9.51 -28.26
N LYS B 68 -1.89 9.72 -26.99
CA LYS B 68 -1.79 8.63 -26.02
C LYS B 68 -3.11 8.33 -25.31
N GLN B 69 -4.21 8.93 -25.79
CA GLN B 69 -5.52 8.76 -25.15
C GLN B 69 -6.35 7.65 -25.79
N THR B 70 -7.33 7.16 -25.03
CA THR B 70 -8.28 6.14 -25.48
C THR B 70 -9.30 6.76 -26.44
N GLU B 71 -9.89 7.87 -26.04
CA GLU B 71 -10.87 8.57 -26.86
C GLU B 71 -10.16 9.43 -27.90
N THR B 72 -10.63 9.37 -29.14
CA THR B 72 -10.08 10.18 -30.23
C THR B 72 -10.66 11.59 -30.21
N LEU B 73 -9.90 12.52 -30.78
CA LEU B 73 -10.24 13.92 -30.81
C LEU B 73 -11.10 14.20 -32.05
N PRO B 74 -12.12 15.08 -31.92
CA PRO B 74 -12.83 15.52 -33.12
C PRO B 74 -11.83 16.12 -34.10
N GLU B 75 -11.98 15.78 -35.39
CA GLU B 75 -10.95 16.10 -36.38
C GLU B 75 -10.77 17.59 -36.66
N THR B 76 -11.80 18.39 -36.36
CA THR B 76 -11.71 19.84 -36.47
C THR B 76 -10.72 20.41 -35.43
N GLU B 77 -10.69 19.78 -34.25
CA GLU B 77 -9.68 20.08 -33.23
C GLU B 77 -8.28 19.62 -33.66
N GLN B 78 -8.23 18.50 -34.37
CA GLN B 78 -6.98 17.92 -34.89
C GLN B 78 -6.23 18.88 -35.84
N ASP B 79 -6.99 19.71 -36.54
CA ASP B 79 -6.44 20.64 -37.54
C ASP B 79 -5.92 21.96 -36.96
N ILE B 80 -6.18 22.21 -35.68
CA ILE B 80 -5.63 23.37 -34.97
C ILE B 80 -4.10 23.37 -35.02
N VAL B 81 -3.53 24.48 -35.47
CA VAL B 81 -2.08 24.61 -35.60
C VAL B 81 -1.49 25.03 -34.25
N VAL B 82 -0.55 24.25 -33.76
CA VAL B 82 0.09 24.53 -32.48
C VAL B 82 1.02 25.73 -32.58
N GLN B 83 1.15 26.43 -31.48
CA GLN B 83 1.81 27.72 -31.40
C GLN B 83 2.98 27.61 -30.43
N GLU B 84 3.86 28.61 -30.45
CA GLU B 84 4.92 28.72 -29.46
C GLU B 84 4.30 29.12 -28.14
N CYS B 85 4.90 28.64 -27.04
CA CYS B 85 4.41 28.98 -25.70
C CYS B 85 4.81 30.42 -25.30
N LYS B 86 4.14 31.38 -25.91
CA LYS B 86 4.37 32.81 -25.68
C LYS B 86 3.01 33.50 -25.70
N PRO B 87 2.84 34.55 -24.87
CA PRO B 87 1.57 35.29 -24.90
C PRO B 87 1.56 36.34 -26.03
N GLU B 88 1.17 35.93 -27.24
CA GLU B 88 1.42 36.74 -28.44
C GLU B 88 0.25 36.98 -29.42
N GLY B 89 -0.45 35.91 -29.78
CA GLY B 89 -1.56 36.01 -30.75
C GLY B 89 -2.84 35.52 -30.13
N ASN B 90 -3.24 34.30 -30.49
CA ASN B 90 -4.44 33.67 -29.96
C ASN B 90 -4.40 33.47 -28.46
N PHE B 91 -3.20 33.30 -27.92
CA PHE B 91 -3.01 33.22 -26.47
C PHE B 91 -3.46 34.50 -25.76
N LEU B 92 -3.17 35.65 -26.34
CA LEU B 92 -3.59 36.94 -25.77
C LEU B 92 -5.09 37.13 -25.68
N GLU B 93 -5.85 36.42 -26.51
CA GLU B 93 -7.31 36.54 -26.47
C GLU B 93 -8.02 35.45 -25.64
N CYS B 94 -7.26 34.50 -25.09
CA CYS B 94 -7.86 33.47 -24.23
C CYS B 94 -8.34 34.05 -22.90
N ASP B 95 -9.52 33.61 -22.46
CA ASP B 95 -10.08 34.01 -21.16
C ASP B 95 -9.48 33.18 -20.02
N VAL B 96 -8.90 32.04 -20.37
CA VAL B 96 -8.21 31.15 -19.44
C VAL B 96 -7.18 30.31 -20.20
N VAL B 97 -5.98 30.22 -19.65
CA VAL B 97 -4.93 29.42 -20.26
C VAL B 97 -4.55 28.32 -19.29
N PHE B 98 -4.83 27.07 -19.67
CA PHE B 98 -4.45 25.90 -18.87
C PHE B 98 -3.02 25.52 -19.19
N SER B 99 -2.29 25.04 -18.19
CA SER B 99 -0.89 24.67 -18.38
C SER B 99 -0.59 23.23 -17.98
N GLY B 100 0.11 22.53 -18.87
CA GLY B 100 0.60 21.19 -18.63
C GLY B 100 2.05 21.11 -19.04
N LEU B 101 2.77 22.22 -18.85
CA LEU B 101 4.19 22.29 -19.15
C LEU B 101 4.99 21.53 -18.11
N ASP B 102 6.11 20.93 -18.54
CA ASP B 102 7.06 20.34 -17.59
C ASP B 102 7.72 21.42 -16.74
N ALA B 103 7.95 21.07 -15.48
CA ALA B 103 8.41 22.00 -14.44
C ALA B 103 9.73 22.72 -14.74
N ASP B 104 10.53 22.17 -15.66
CA ASP B 104 11.82 22.79 -15.99
C ASP B 104 11.75 24.01 -16.93
N VAL B 105 10.58 24.23 -17.55
CA VAL B 105 10.36 25.43 -18.38
C VAL B 105 9.13 26.22 -17.98
N ALA B 106 8.28 25.62 -17.15
CA ALA B 106 6.97 26.18 -16.81
C ALA B 106 7.02 27.50 -16.06
N GLY B 107 7.98 27.64 -15.15
CA GLY B 107 8.13 28.86 -14.36
C GLY B 107 8.30 30.10 -15.21
N ASP B 108 9.16 29.98 -16.23
CA ASP B 108 9.45 31.08 -17.16
C ASP B 108 8.23 31.51 -17.97
N ILE B 109 7.56 30.53 -18.57
CA ILE B 109 6.43 30.77 -19.47
C ILE B 109 5.22 31.29 -18.71
N GLU B 110 4.85 30.61 -17.63
CA GLU B 110 3.69 31.02 -16.83
C GLU B 110 3.84 32.42 -16.26
N LYS B 111 5.07 32.79 -15.91
CA LYS B 111 5.39 34.13 -15.46
C LYS B 111 5.08 35.18 -16.54
N SER B 112 5.58 34.94 -17.76
CA SER B 112 5.26 35.76 -18.93
C SER B 112 3.75 35.98 -19.09
N PHE B 113 2.99 34.89 -19.01
CA PHE B 113 1.53 34.91 -19.18
C PHE B 113 0.81 35.77 -18.15
N VAL B 114 1.16 35.57 -16.88
CA VAL B 114 0.62 36.38 -15.77
C VAL B 114 0.93 37.87 -15.93
N GLU B 115 2.13 38.16 -16.44
CA GLU B 115 2.59 39.53 -16.62
C GLU B 115 1.94 40.18 -17.85
N ALA B 116 1.47 39.34 -18.77
CA ALA B 116 0.72 39.79 -19.95
C ALA B 116 -0.74 40.09 -19.60
N GLY B 117 -1.12 39.76 -18.36
CA GLY B 117 -2.47 39.99 -17.87
C GLY B 117 -3.39 38.78 -17.91
N LEU B 118 -2.85 37.61 -18.24
CA LEU B 118 -3.67 36.41 -18.49
C LEU B 118 -3.99 35.56 -17.26
N ALA B 119 -5.12 34.85 -17.30
CA ALA B 119 -5.55 33.96 -16.23
C ALA B 119 -5.02 32.55 -16.43
N VAL B 120 -4.05 32.17 -15.61
CA VAL B 120 -3.36 30.89 -15.78
C VAL B 120 -3.83 29.85 -14.75
N VAL B 121 -4.12 28.65 -15.23
CA VAL B 121 -4.49 27.53 -14.37
C VAL B 121 -3.54 26.40 -14.70
N SER B 122 -2.62 26.12 -13.78
CA SER B 122 -1.46 25.30 -14.08
C SER B 122 -1.42 23.99 -13.28
N ASN B 123 -0.95 22.94 -13.96
CA ASN B 123 -0.66 21.65 -13.35
C ASN B 123 0.82 21.56 -12.92
N ALA B 124 1.63 22.52 -13.38
CA ALA B 124 3.06 22.54 -13.05
C ALA B 124 3.29 22.87 -11.58
N LYS B 125 4.36 22.33 -11.01
CA LYS B 125 4.62 22.44 -9.56
C LYS B 125 5.18 23.81 -9.15
N ASN B 126 5.71 24.53 -10.13
CA ASN B 126 6.53 25.72 -9.91
C ASN B 126 6.00 26.76 -8.93
N TYR B 127 4.70 27.06 -9.02
CA TYR B 127 4.13 28.13 -8.20
C TYR B 127 3.26 27.70 -7.02
N ARG B 128 3.19 26.39 -6.79
CA ARG B 128 2.31 25.80 -5.78
C ARG B 128 2.57 26.27 -4.34
N ARG B 129 3.84 26.48 -4.00
CA ARG B 129 4.22 26.85 -2.64
C ARG B 129 4.19 28.36 -2.37
N GLU B 130 3.94 29.15 -3.42
CA GLU B 130 3.89 30.60 -3.28
C GLU B 130 2.73 31.04 -2.39
N LYS B 131 3.03 31.96 -1.46
CA LYS B 131 2.10 32.37 -0.40
C LYS B 131 0.81 32.99 -0.91
N ASP B 132 0.87 33.56 -2.11
CA ASP B 132 -0.29 34.25 -2.70
C ASP B 132 -1.01 33.41 -3.76
N VAL B 133 -0.42 32.28 -4.11
CA VAL B 133 -0.96 31.41 -5.16
C VAL B 133 -1.86 30.31 -4.58
N PRO B 134 -3.16 30.31 -4.95
CA PRO B 134 -4.08 29.25 -4.54
C PRO B 134 -3.70 27.88 -5.10
N LEU B 135 -3.62 26.90 -4.22
CA LEU B 135 -3.46 25.50 -4.61
C LEU B 135 -4.79 24.81 -4.40
N VAL B 136 -5.45 24.44 -5.50
CA VAL B 136 -6.86 24.11 -5.43
C VAL B 136 -7.16 22.69 -5.88
N VAL B 137 -7.85 21.95 -5.02
CA VAL B 137 -8.60 20.77 -5.39
C VAL B 137 -10.04 21.28 -5.37
N PRO B 138 -10.60 21.60 -6.56
CA PRO B 138 -11.86 22.36 -6.62
C PRO B 138 -13.09 21.71 -5.99
N ILE B 139 -13.04 20.41 -5.73
CA ILE B 139 -14.10 19.76 -4.95
C ILE B 139 -13.84 19.85 -3.44
N VAL B 140 -12.73 20.46 -3.05
CA VAL B 140 -12.34 20.57 -1.63
C VAL B 140 -12.21 22.03 -1.13
N ASN B 141 -11.32 22.80 -1.76
CA ASN B 141 -11.04 24.17 -1.32
C ASN B 141 -11.20 25.23 -2.42
N PRO B 142 -12.42 25.34 -3.00
CA PRO B 142 -12.57 26.38 -4.02
C PRO B 142 -12.58 27.79 -3.41
N GLU B 143 -12.88 27.88 -2.11
CA GLU B 143 -12.89 29.17 -1.39
C GLU B 143 -11.52 29.84 -1.33
N HIS B 144 -10.47 29.08 -1.65
CA HIS B 144 -9.12 29.63 -1.71
C HIS B 144 -8.91 30.52 -2.94
N ILE B 145 -9.78 30.34 -3.95
CA ILE B 145 -9.81 31.21 -5.11
C ILE B 145 -10.21 32.64 -4.76
N ASP B 146 -10.92 32.80 -3.63
CA ASP B 146 -11.29 34.13 -3.11
C ASP B 146 -10.10 35.09 -2.95
N VAL B 147 -8.91 34.54 -2.75
CA VAL B 147 -7.69 35.34 -2.66
C VAL B 147 -7.39 36.01 -4.00
N VAL B 148 -7.42 35.23 -5.07
CA VAL B 148 -7.31 35.76 -6.43
C VAL B 148 -8.45 36.73 -6.73
N GLU B 149 -9.66 36.34 -6.37
CA GLU B 149 -10.85 37.16 -6.59
C GLU B 149 -10.70 38.56 -5.99
N ASN B 150 -10.36 38.61 -4.71
CA ASN B 150 -10.18 39.88 -3.99
C ASN B 150 -9.05 40.72 -4.55
N LYS B 151 -8.00 40.05 -5.03
CA LYS B 151 -6.90 40.72 -5.70
C LYS B 151 -7.35 41.33 -7.03
N VAL B 152 -8.15 40.59 -7.79
CA VAL B 152 -8.67 41.04 -9.08
C VAL B 152 -9.66 42.19 -8.84
N LYS B 153 -10.47 42.04 -7.80
CA LYS B 153 -11.39 43.08 -7.33
C LYS B 153 -10.63 44.36 -7.00
N GLN B 154 -9.48 44.20 -6.33
CA GLN B 154 -8.61 45.33 -5.97
C GLN B 154 -8.02 46.03 -7.19
N ALA B 155 -7.61 45.25 -8.18
CA ALA B 155 -7.01 45.78 -9.40
C ALA B 155 -8.02 46.49 -10.31
N VAL B 156 -9.27 46.03 -10.27
CA VAL B 156 -10.36 46.65 -11.04
C VAL B 156 -10.71 48.04 -10.48
N SER B 157 -10.78 48.14 -9.15
CA SER B 157 -11.02 49.40 -8.48
C SER B 157 -9.87 50.38 -8.72
N LYS B 158 -8.65 49.86 -8.68
CA LYS B 158 -7.42 50.65 -8.83
C LYS B 158 -7.13 51.06 -10.28
N GLY B 159 -6.95 50.06 -11.14
CA GLY B 159 -6.44 50.29 -12.49
C GLY B 159 -7.45 50.17 -13.63
N GLY B 160 -8.57 49.50 -13.36
CA GLY B 160 -9.61 49.30 -14.37
C GLY B 160 -9.54 47.95 -15.08
N LYS B 161 -8.35 47.36 -15.13
CA LYS B 161 -8.11 46.07 -15.80
C LYS B 161 -7.78 44.97 -14.79
N LYS B 162 -8.00 43.72 -15.20
CA LYS B 162 -7.62 42.54 -14.40
C LYS B 162 -6.10 42.37 -14.38
N PRO B 163 -5.54 41.93 -13.24
CA PRO B 163 -4.09 41.92 -13.03
C PRO B 163 -3.32 40.75 -13.66
N GLY B 164 -3.98 39.62 -13.88
CA GLY B 164 -3.29 38.40 -14.28
C GLY B 164 -2.91 37.60 -13.06
N PHE B 165 -3.04 36.28 -13.13
CA PHE B 165 -2.86 35.40 -11.96
C PHE B 165 -2.65 33.94 -12.32
N ILE B 166 -2.18 33.17 -11.34
CA ILE B 166 -2.06 31.72 -11.43
C ILE B 166 -2.88 31.05 -10.33
N ILE B 167 -3.61 30.00 -10.70
CA ILE B 167 -4.15 29.04 -9.75
C ILE B 167 -3.50 27.70 -10.10
N CYS B 168 -2.91 27.06 -9.10
CA CYS B 168 -2.28 25.76 -9.32
C CYS B 168 -3.23 24.60 -9.01
N ILE B 169 -3.10 23.54 -9.81
CA ILE B 169 -3.89 22.31 -9.66
C ILE B 169 -3.02 21.27 -8.95
N SER B 170 -3.55 20.66 -7.90
CA SER B 170 -2.86 19.54 -7.26
C SER B 170 -2.98 18.29 -8.10
N ASN B 171 -1.94 17.45 -8.06
CA ASN B 171 -1.95 16.17 -8.77
C ASN B 171 -3.04 15.24 -8.22
N CYS B 172 -3.44 14.25 -9.03
CA CYS B 172 -4.53 13.33 -8.74
CA CYS B 172 -4.55 13.36 -8.71
C CYS B 172 -4.39 12.65 -7.36
N SER B 173 -3.16 12.34 -6.98
CA SER B 173 -2.87 11.65 -5.74
C SER B 173 -3.23 12.45 -4.48
N THR B 174 -2.87 13.73 -4.49
CA THR B 174 -3.21 14.63 -3.40
C THR B 174 -4.72 14.87 -3.34
N ALA B 175 -5.32 15.11 -4.50
CA ALA B 175 -6.76 15.34 -4.61
C ALA B 175 -7.56 14.18 -4.03
N GLY B 176 -7.12 12.95 -4.31
CA GLY B 176 -7.77 11.76 -3.79
C GLY B 176 -7.72 11.68 -2.27
N LEU B 177 -6.58 12.00 -1.69
CA LEU B 177 -6.43 11.98 -0.24
C LEU B 177 -7.39 12.98 0.40
N VAL B 178 -7.35 14.21 -0.11
CA VAL B 178 -8.03 15.32 0.54
C VAL B 178 -9.55 15.37 0.29
N ALA B 179 -10.01 14.73 -0.78
CA ALA B 179 -11.45 14.73 -1.11
C ALA B 179 -12.38 14.30 0.03
N PRO B 180 -12.16 13.10 0.62
CA PRO B 180 -13.04 12.68 1.73
C PRO B 180 -12.78 13.39 3.07
N LEU B 181 -11.64 14.06 3.18
CA LEU B 181 -11.25 14.74 4.41
C LEU B 181 -12.01 16.03 4.64
N LYS B 182 -12.32 16.73 3.55
CA LYS B 182 -13.02 18.01 3.62
C LYS B 182 -14.34 17.96 4.38
N PRO B 183 -15.27 17.06 3.98
CA PRO B 183 -16.51 17.01 4.77
C PRO B 183 -16.28 16.61 6.22
N LEU B 184 -15.33 15.71 6.45
CA LEU B 184 -15.00 15.25 7.80
C LEU B 184 -14.55 16.40 8.68
N VAL B 185 -13.65 17.22 8.16
CA VAL B 185 -13.11 18.38 8.88
C VAL B 185 -14.19 19.45 9.12
N GLU B 186 -15.05 19.69 8.13
CA GLU B 186 -16.16 20.61 8.31
C GLU B 186 -17.03 20.19 9.50
N LYS B 187 -17.37 18.90 9.55
CA LYS B 187 -18.27 18.38 10.58
C LYS B 187 -17.60 18.14 11.95
N PHE B 188 -16.44 17.50 11.95
CA PHE B 188 -15.83 17.01 13.19
C PHE B 188 -14.56 17.78 13.60
N GLY B 189 -14.26 18.85 12.88
CA GLY B 189 -13.09 19.66 13.18
C GLY B 189 -11.82 19.07 12.59
N PRO B 190 -10.67 19.78 12.78
CA PRO B 190 -9.39 19.42 12.17
C PRO B 190 -8.91 18.00 12.45
N ILE B 191 -8.09 17.48 11.54
CA ILE B 191 -7.50 16.16 11.62
C ILE B 191 -6.01 16.36 11.92
N ASP B 192 -5.53 15.83 13.05
CA ASP B 192 -4.15 16.10 13.46
C ASP B 192 -3.13 15.03 13.04
N ALA B 193 -3.63 13.92 12.51
CA ALA B 193 -2.78 12.81 12.06
C ALA B 193 -3.44 12.09 10.90
N LEU B 194 -2.63 11.75 9.89
CA LEU B 194 -3.12 11.18 8.66
C LEU B 194 -2.04 10.38 7.94
N THR B 195 -2.34 9.11 7.65
CA THR B 195 -1.46 8.28 6.82
C THR B 195 -2.07 7.97 5.46
N THR B 196 -1.22 7.77 4.46
CA THR B 196 -1.65 7.20 3.19
C THR B 196 -0.58 6.33 2.58
N THR B 197 -0.96 5.12 2.23
CA THR B 197 -0.17 4.32 1.32
C THR B 197 -0.99 4.24 0.04
N THR B 198 -0.35 4.62 -1.06
CA THR B 198 -1.04 4.67 -2.34
C THR B 198 -0.63 3.49 -3.21
N LEU B 199 -1.60 3.02 -3.99
CA LEU B 199 -1.38 2.00 -5.00
C LEU B 199 -1.79 2.68 -6.30
N GLN B 200 -0.81 3.30 -6.95
CA GLN B 200 -1.08 4.28 -8.00
C GLN B 200 -1.00 3.67 -9.39
N ALA B 201 -2.03 3.97 -10.18
CA ALA B 201 -2.17 3.49 -11.54
C ALA B 201 -1.25 4.26 -12.48
N ILE B 202 -1.02 3.67 -13.66
CA ILE B 202 -0.19 4.25 -14.72
C ILE B 202 -0.75 5.57 -15.26
N SER B 203 -2.07 5.65 -15.38
CA SER B 203 -2.78 6.86 -15.83
C SER B 203 -2.24 8.13 -15.18
N PRO B 209 9.43 11.42 -18.35
CA PRO B 209 9.82 10.17 -17.70
C PRO B 209 8.86 9.02 -18.01
N GLY B 210 7.57 9.21 -17.72
CA GLY B 210 6.54 8.21 -17.98
C GLY B 210 6.65 6.99 -17.07
N VAL B 211 6.04 5.90 -17.50
CA VAL B 211 6.23 4.59 -16.87
C VAL B 211 5.92 3.46 -17.87
N SER B 212 6.98 2.78 -18.28
CA SER B 212 6.89 1.71 -19.27
C SER B 212 6.25 0.46 -18.69
N GLY B 213 5.89 -0.49 -19.56
CA GLY B 213 5.38 -1.78 -19.14
C GLY B 213 6.45 -2.62 -18.50
N MET B 214 7.68 -2.49 -19.00
CA MET B 214 8.87 -3.17 -18.47
C MET B 214 9.10 -2.89 -16.98
N ASP B 215 8.81 -1.67 -16.55
CA ASP B 215 8.99 -1.26 -15.16
C ASP B 215 7.94 -1.86 -14.24
N ILE B 216 6.71 -1.92 -14.73
CA ILE B 216 5.54 -2.10 -13.87
C ILE B 216 4.85 -3.47 -13.97
N LEU B 217 4.87 -4.06 -15.16
CA LEU B 217 4.19 -5.32 -15.39
C LEU B 217 4.71 -6.39 -14.45
N ASP B 218 3.79 -7.11 -13.82
CA ASP B 218 4.11 -8.16 -12.84
C ASP B 218 5.10 -7.66 -11.75
N ASN B 219 4.90 -6.42 -11.30
CA ASN B 219 5.85 -5.78 -10.41
C ASN B 219 5.18 -4.64 -9.63
N ILE B 220 5.87 -4.19 -8.60
CA ILE B 220 5.51 -3.01 -7.82
C ILE B 220 6.74 -2.12 -7.75
N VAL B 221 6.55 -0.82 -7.89
CA VAL B 221 7.64 0.14 -7.79
C VAL B 221 7.34 1.07 -6.64
N PRO B 222 8.06 0.89 -5.51
CA PRO B 222 7.69 1.56 -4.26
C PRO B 222 8.19 2.99 -4.18
N TYR B 223 8.21 3.68 -5.32
CA TYR B 223 8.76 5.01 -5.37
C TYR B 223 8.25 5.83 -6.55
N ILE B 224 7.60 6.94 -6.25
CA ILE B 224 7.29 7.93 -7.27
C ILE B 224 7.97 9.23 -6.84
N SER B 225 8.91 9.68 -7.66
CA SER B 225 9.74 10.85 -7.38
C SER B 225 8.93 12.10 -7.04
N GLY B 226 9.18 12.66 -5.86
CA GLY B 226 8.49 13.87 -5.41
C GLY B 226 7.08 13.68 -4.89
N GLU B 227 6.50 12.50 -5.10
CA GLU B 227 5.08 12.28 -4.83
C GLU B 227 4.72 12.39 -3.34
N GLU B 228 5.47 11.69 -2.49
CA GLU B 228 5.22 11.71 -1.04
C GLU B 228 5.39 13.11 -0.47
N ASP B 229 6.43 13.78 -0.93
CA ASP B 229 6.71 15.16 -0.55
C ASP B 229 5.54 16.09 -0.87
N LYS B 230 5.04 16.02 -2.11
CA LYS B 230 3.87 16.80 -2.55
C LYS B 230 2.64 16.46 -1.72
N LEU B 231 2.37 15.18 -1.60
CA LEU B 231 1.25 14.69 -0.83
C LEU B 231 1.27 15.25 0.59
N GLU B 232 2.45 15.28 1.20
CA GLU B 232 2.57 15.72 2.59
C GLU B 232 2.47 17.23 2.77
N TRP B 233 3.20 17.97 1.94
CA TRP B 233 3.18 19.43 2.00
C TRP B 233 1.85 20.03 1.51
N GLU B 234 1.44 19.66 0.30
CA GLU B 234 0.22 20.23 -0.32
C GLU B 234 -1.07 20.07 0.47
N THR B 235 -1.22 18.94 1.16
CA THR B 235 -2.39 18.68 2.03
C THR B 235 -2.60 19.80 3.05
N LYS B 236 -1.52 20.21 3.70
CA LYS B 236 -1.57 21.21 4.76
C LYS B 236 -1.99 22.58 4.24
N LYS B 237 -1.61 22.88 3.00
CA LYS B 237 -2.05 24.11 2.33
C LYS B 237 -3.51 24.02 1.86
N ILE B 238 -3.86 22.91 1.20
CA ILE B 238 -5.23 22.70 0.69
C ILE B 238 -6.26 22.76 1.82
N LEU B 239 -5.95 22.12 2.93
CA LEU B 239 -6.83 22.13 4.11
C LEU B 239 -6.52 23.28 5.08
N GLY B 240 -5.57 24.13 4.70
CA GLY B 240 -5.20 25.30 5.48
C GLY B 240 -6.14 26.48 5.28
N GLY B 241 -5.69 27.66 5.71
CA GLY B 241 -6.53 28.85 5.67
C GLY B 241 -5.91 30.06 5.01
N VAL B 242 -6.48 31.23 5.31
CA VAL B 242 -6.05 32.51 4.74
C VAL B 242 -5.70 33.45 5.89
N ASN B 243 -4.74 34.35 5.68
CA ASN B 243 -4.41 35.35 6.69
C ASN B 243 -5.52 36.40 6.87
N ALA B 244 -5.44 37.16 7.96
CA ALA B 244 -6.48 38.13 8.33
C ALA B 244 -6.89 39.04 7.18
N GLU B 245 -5.90 39.53 6.42
CA GLU B 245 -6.14 40.43 5.29
C GLU B 245 -6.75 39.75 4.05
N GLY B 246 -6.68 38.42 3.99
CA GLY B 246 -7.24 37.65 2.87
C GLY B 246 -6.39 37.77 1.63
N THR B 247 -5.08 37.88 1.83
CA THR B 247 -4.13 38.15 0.76
C THR B 247 -3.11 37.03 0.57
N GLU B 248 -2.95 36.19 1.59
CA GLU B 248 -1.98 35.09 1.56
C GLU B 248 -2.53 33.84 2.25
N PHE B 249 -1.93 32.70 1.92
CA PHE B 249 -2.35 31.42 2.47
C PHE B 249 -1.53 31.00 3.67
N VAL B 250 -2.23 30.48 4.67
CA VAL B 250 -1.62 30.04 5.93
C VAL B 250 -1.83 28.52 6.09
N PRO B 251 -0.90 27.71 5.57
CA PRO B 251 -1.00 26.26 5.67
C PRO B 251 -0.96 25.79 7.13
N ILE B 252 -1.63 24.69 7.42
CA ILE B 252 -1.63 24.14 8.77
C ILE B 252 -0.20 23.81 9.21
N PRO B 253 0.21 24.33 10.40
CA PRO B 253 1.50 23.97 10.98
C PRO B 253 1.72 22.47 11.03
N GLU B 254 2.94 22.07 10.69
CA GLU B 254 3.44 20.70 10.80
C GLU B 254 2.99 19.98 12.10
N SER B 255 3.06 20.70 13.22
CA SER B 255 2.78 20.14 14.53
C SER B 255 1.31 19.80 14.74
N GLU B 256 0.44 20.51 14.02
CA GLU B 256 -1.02 20.34 14.17
C GLU B 256 -1.64 19.37 13.17
N MET B 257 -0.88 19.00 12.13
CA MET B 257 -1.32 17.95 11.20
C MET B 257 -0.15 17.13 10.67
N LYS B 258 0.05 15.95 11.24
CA LYS B 258 1.13 15.08 10.81
C LYS B 258 0.64 14.20 9.67
N VAL B 259 1.26 14.33 8.51
CA VAL B 259 0.82 13.60 7.33
C VAL B 259 1.96 12.74 6.81
N SER B 260 1.73 11.43 6.76
CA SER B 260 2.75 10.49 6.30
C SER B 260 2.26 9.72 5.07
N ALA B 261 2.93 9.97 3.94
CA ALA B 261 2.59 9.30 2.68
C ALA B 261 3.62 8.25 2.29
N GLN B 262 3.15 7.15 1.73
CA GLN B 262 4.03 6.13 1.11
C GLN B 262 3.44 5.75 -0.23
N CYS B 263 4.07 6.22 -1.31
CA CYS B 263 3.52 6.08 -2.66
C CYS B 263 4.14 4.94 -3.46
N ASN B 264 3.28 4.14 -4.09
CA ASN B 264 3.72 3.01 -4.89
C ASN B 264 3.03 3.01 -6.24
N ARG B 265 3.73 2.53 -7.27
CA ARG B 265 3.15 2.32 -8.58
C ARG B 265 2.79 0.85 -8.71
N VAL B 266 1.61 0.57 -9.26
CA VAL B 266 1.10 -0.79 -9.45
C VAL B 266 0.66 -1.01 -10.90
N PRO B 267 0.58 -2.29 -11.35
CA PRO B 267 0.17 -2.52 -12.73
C PRO B 267 -1.35 -2.40 -12.92
N VAL B 268 -1.83 -1.16 -12.93
CA VAL B 268 -3.24 -0.82 -13.10
C VAL B 268 -3.29 0.39 -14.03
N ILE B 269 -4.20 0.34 -15.01
CA ILE B 269 -4.25 1.38 -16.06
C ILE B 269 -4.73 2.71 -15.51
N ASP B 270 -5.88 2.68 -14.83
CA ASP B 270 -6.55 3.89 -14.37
C ASP B 270 -7.16 3.67 -13.00
N GLY B 271 -7.13 4.69 -12.15
CA GLY B 271 -7.74 4.64 -10.83
C GLY B 271 -6.74 4.36 -9.71
N HIS B 272 -6.31 5.42 -9.03
CA HIS B 272 -5.42 5.30 -7.88
C HIS B 272 -6.19 4.86 -6.63
N THR B 273 -5.61 3.91 -5.91
CA THR B 273 -6.15 3.50 -4.62
C THR B 273 -5.29 4.06 -3.49
N GLU B 274 -5.94 4.57 -2.44
CA GLU B 274 -5.24 5.05 -1.26
C GLU B 274 -5.78 4.40 0.01
N CYS B 275 -4.90 3.75 0.74
CA CYS B 275 -5.21 3.18 2.06
C CYS B 275 -4.82 4.16 3.16
N ILE B 276 -5.84 4.65 3.86
CA ILE B 276 -5.75 5.86 4.64
C ILE B 276 -6.15 5.67 6.11
N SER B 277 -5.48 6.39 7.01
CA SER B 277 -5.81 6.46 8.43
C SER B 277 -5.84 7.91 8.87
N LEU B 278 -6.70 8.22 9.82
CA LEU B 278 -6.87 9.60 10.30
C LEU B 278 -7.32 9.64 11.76
N ARG B 279 -6.90 10.71 12.44
CA ARG B 279 -7.30 10.98 13.81
C ARG B 279 -7.74 12.44 13.91
N PHE B 280 -8.80 12.68 14.67
CA PHE B 280 -9.29 14.04 14.87
C PHE B 280 -8.59 14.73 16.02
N ALA B 281 -8.33 16.03 15.83
CA ALA B 281 -7.73 16.87 16.87
C ALA B 281 -8.73 17.08 18.02
N ASN B 282 -9.99 17.32 17.67
CA ASN B 282 -11.07 17.49 18.64
C ASN B 282 -11.48 16.16 19.24
N ARG B 283 -11.19 15.98 20.53
CA ARG B 283 -11.57 14.76 21.26
C ARG B 283 -12.87 14.99 22.02
N PRO B 284 -13.73 13.96 22.12
CA PRO B 284 -13.58 12.59 21.62
C PRO B 284 -13.98 12.40 20.16
N ALA B 285 -13.53 11.29 19.58
CA ALA B 285 -13.80 10.93 18.19
C ALA B 285 -15.29 10.68 17.95
N PRO B 286 -15.79 10.97 16.74
CA PRO B 286 -17.14 10.55 16.34
C PRO B 286 -17.22 9.04 16.19
N SER B 287 -18.43 8.52 15.98
CA SER B 287 -18.61 7.10 15.72
C SER B 287 -18.39 6.80 14.24
N VAL B 288 -18.18 5.53 13.93
CA VAL B 288 -18.02 5.07 12.55
C VAL B 288 -19.24 5.36 11.68
N GLU B 289 -20.42 5.35 12.30
CA GLU B 289 -21.70 5.63 11.63
C GLU B 289 -21.81 7.12 11.26
N ASP B 290 -21.37 7.99 12.17
CA ASP B 290 -21.32 9.43 11.92
C ASP B 290 -20.44 9.75 10.71
N VAL B 291 -19.29 9.06 10.63
CA VAL B 291 -18.32 9.27 9.54
C VAL B 291 -18.85 8.84 8.16
N LYS B 292 -19.45 7.66 8.08
CA LYS B 292 -20.00 7.16 6.83
C LYS B 292 -21.04 8.11 6.24
N GLN B 293 -22.00 8.51 7.07
CA GLN B 293 -23.09 9.39 6.65
C GLN B 293 -22.64 10.80 6.31
N CYS B 294 -21.58 11.25 6.98
CA CYS B 294 -20.96 12.55 6.69
C CYS B 294 -20.45 12.57 5.25
N LEU B 295 -19.80 11.48 4.85
CA LEU B 295 -19.28 11.35 3.49
C LEU B 295 -20.40 11.17 2.47
N ARG B 296 -21.44 10.43 2.84
CA ARG B 296 -22.61 10.21 1.97
C ARG B 296 -23.36 11.50 1.65
N GLU B 297 -23.43 12.41 2.61
CA GLU B 297 -24.22 13.65 2.49
C GLU B 297 -23.44 14.86 1.93
N TYR B 298 -22.13 14.73 1.77
CA TYR B 298 -21.32 15.85 1.29
C TYR B 298 -21.62 16.23 -0.15
N GLU B 299 -21.91 17.50 -0.34
CA GLU B 299 -22.02 18.10 -1.67
C GLU B 299 -21.03 19.25 -1.77
N CYS B 300 -20.08 19.15 -2.69
CA CYS B 300 -19.04 20.16 -2.81
C CYS B 300 -19.62 21.54 -3.14
N ALA B 301 -18.94 22.59 -2.69
CA ALA B 301 -19.41 23.96 -2.87
C ALA B 301 -19.44 24.37 -4.34
N ALA B 302 -18.59 23.76 -5.15
CA ALA B 302 -18.58 24.02 -6.59
C ALA B 302 -19.88 23.56 -7.25
N SER B 303 -20.43 22.46 -6.74
CA SER B 303 -21.75 21.97 -7.16
C SER B 303 -22.88 22.90 -6.71
N LYS B 304 -22.71 23.49 -5.53
CA LYS B 304 -23.68 24.44 -4.97
C LYS B 304 -23.67 25.79 -5.68
N LEU B 305 -22.53 26.12 -6.27
CA LEU B 305 -22.40 27.34 -7.07
C LEU B 305 -23.09 27.14 -8.42
N GLY B 306 -23.26 25.88 -8.81
CA GLY B 306 -23.94 25.52 -10.06
C GLY B 306 -23.01 25.09 -11.17
N CYS B 307 -21.73 24.91 -10.85
CA CYS B 307 -20.72 24.53 -11.85
C CYS B 307 -21.04 23.23 -12.55
N HIS B 308 -20.81 23.19 -13.86
CA HIS B 308 -21.28 22.12 -14.71
C HIS B 308 -20.56 20.78 -14.49
N SER B 309 -19.25 20.84 -14.25
CA SER B 309 -18.43 19.63 -14.12
C SER B 309 -18.36 19.06 -12.69
N ALA B 310 -18.84 19.82 -11.71
CA ALA B 310 -18.80 19.40 -10.32
C ALA B 310 -19.86 18.34 -10.00
N PRO B 311 -19.43 17.21 -9.41
CA PRO B 311 -20.36 16.17 -8.95
C PRO B 311 -21.10 16.59 -7.68
N LYS B 312 -22.43 16.54 -7.73
CA LYS B 312 -23.27 16.88 -6.57
C LYS B 312 -23.20 15.77 -5.54
N GLN B 313 -23.14 14.53 -6.01
CA GLN B 313 -22.80 13.40 -5.16
C GLN B 313 -21.29 13.21 -5.23
N THR B 314 -20.57 14.05 -4.47
CA THR B 314 -19.11 14.16 -4.55
C THR B 314 -18.39 12.87 -4.19
N ILE B 315 -18.92 12.17 -3.18
CA ILE B 315 -18.33 10.94 -2.68
C ILE B 315 -19.31 9.78 -2.79
N HIS B 316 -18.83 8.64 -3.28
CA HIS B 316 -19.60 7.41 -3.29
C HIS B 316 -19.08 6.45 -2.23
N VAL B 317 -19.82 6.27 -1.13
CA VAL B 317 -19.41 5.27 -0.16
C VAL B 317 -19.98 3.91 -0.51
N LEU B 318 -19.11 2.91 -0.49
CA LEU B 318 -19.46 1.53 -0.83
C LEU B 318 -19.47 0.72 0.44
N ASP B 319 -20.45 -0.18 0.55
CA ASP B 319 -20.68 -0.96 1.76
C ASP B 319 -20.10 -2.37 1.70
N GLN B 320 -19.72 -2.83 0.51
CA GLN B 320 -19.14 -4.16 0.35
C GLN B 320 -17.72 -4.20 0.92
N PRO B 321 -17.36 -5.31 1.59
CA PRO B 321 -16.07 -5.40 2.28
C PRO B 321 -14.85 -5.39 1.34
N ASP B 322 -15.07 -5.59 0.05
CA ASP B 322 -13.95 -5.68 -0.90
C ASP B 322 -13.93 -4.55 -1.95
N ARG B 323 -14.58 -3.43 -1.63
CA ARG B 323 -14.72 -2.33 -2.57
C ARG B 323 -14.27 -1.01 -1.93
N PRO B 324 -13.81 -0.04 -2.74
CA PRO B 324 -13.71 0.01 -4.20
C PRO B 324 -12.54 -0.78 -4.80
N GLN B 325 -12.74 -1.25 -6.02
CA GLN B 325 -11.68 -1.85 -6.82
C GLN B 325 -11.52 -0.99 -8.07
N PRO B 326 -10.27 -0.71 -8.49
CA PRO B 326 -10.06 0.21 -9.62
C PRO B 326 -10.82 -0.23 -10.88
N ARG B 327 -10.71 -1.51 -11.23
CA ARG B 327 -11.30 -1.99 -12.48
C ARG B 327 -12.82 -2.15 -12.39
N LEU B 328 -13.32 -2.48 -11.21
CA LEU B 328 -14.75 -2.67 -11.02
C LEU B 328 -15.52 -1.35 -10.89
N ASP B 329 -14.85 -0.32 -10.40
CA ASP B 329 -15.51 0.94 -10.04
C ASP B 329 -15.10 2.17 -10.85
N ARG B 330 -14.13 2.05 -11.75
CA ARG B 330 -13.63 3.22 -12.47
C ARG B 330 -14.59 3.78 -13.54
N ASP B 331 -15.34 2.90 -14.22
CA ASP B 331 -16.32 3.36 -15.21
C ASP B 331 -17.60 3.75 -14.49
N ARG B 332 -18.09 2.84 -13.66
CA ARG B 332 -19.33 2.98 -12.89
C ARG B 332 -19.32 4.19 -11.94
N ASP B 333 -18.16 4.49 -11.36
CA ASP B 333 -18.06 5.64 -10.45
C ASP B 333 -17.27 6.83 -11.03
N SER B 334 -17.15 6.87 -12.37
CA SER B 334 -16.35 7.89 -13.07
C SER B 334 -16.87 9.32 -12.90
N GLY B 335 -18.09 9.46 -12.40
CA GLY B 335 -18.70 10.77 -12.20
C GLY B 335 -18.68 11.27 -10.76
N TYR B 336 -18.07 10.50 -9.86
CA TYR B 336 -17.80 10.97 -8.49
C TYR B 336 -16.36 11.49 -8.42
N GLY B 337 -16.08 12.33 -7.43
CA GLY B 337 -14.70 12.71 -7.12
C GLY B 337 -13.90 11.51 -6.64
N VAL B 338 -14.45 10.80 -5.65
CA VAL B 338 -13.86 9.57 -5.12
C VAL B 338 -14.93 8.55 -4.73
N SER B 339 -14.55 7.28 -4.78
CA SER B 339 -15.30 6.21 -4.10
C SER B 339 -14.53 5.82 -2.86
N VAL B 340 -15.25 5.61 -1.75
CA VAL B 340 -14.63 5.33 -0.47
C VAL B 340 -15.23 4.06 0.11
N GLY B 341 -14.38 3.11 0.45
CA GLY B 341 -14.87 1.86 1.01
C GLY B 341 -14.14 1.47 2.26
N ARG B 342 -14.63 0.39 2.88
CA ARG B 342 -14.00 -0.22 4.04
C ARG B 342 -13.78 0.77 5.20
N ILE B 343 -14.74 1.68 5.37
CA ILE B 343 -14.70 2.67 6.44
C ILE B 343 -14.95 1.98 7.77
N ARG B 344 -13.92 1.94 8.61
CA ARG B 344 -13.98 1.21 9.87
C ARG B 344 -13.09 1.86 10.92
N GLU B 345 -13.36 1.56 12.18
CA GLU B 345 -12.50 2.01 13.28
C GLU B 345 -11.06 1.56 13.08
N ASP B 346 -10.12 2.41 13.48
CA ASP B 346 -8.70 2.06 13.47
C ASP B 346 -8.24 1.73 14.88
N SER B 347 -7.09 1.07 14.98
CA SER B 347 -6.51 0.69 16.28
C SER B 347 -5.42 1.65 16.73
N LEU B 348 -4.81 2.37 15.79
CA LEU B 348 -3.79 3.38 16.11
C LEU B 348 -4.37 4.79 16.10
N LEU B 349 -4.95 5.19 14.97
CA LEU B 349 -5.65 6.46 14.86
C LEU B 349 -7.15 6.20 15.04
N ASP B 350 -8.00 7.11 14.58
CA ASP B 350 -9.45 6.94 14.76
C ASP B 350 -10.09 6.02 13.73
N PHE B 351 -9.87 6.30 12.44
CA PHE B 351 -10.53 5.56 11.38
C PHE B 351 -9.56 5.21 10.26
N LYS B 352 -9.84 4.09 9.59
CA LYS B 352 -9.18 3.78 8.32
C LYS B 352 -10.18 3.48 7.20
N MET B 353 -9.73 3.63 5.95
CA MET B 353 -10.61 3.49 4.79
C MET B 353 -9.82 3.40 3.48
N VAL B 354 -10.47 2.84 2.45
CA VAL B 354 -9.90 2.69 1.11
C VAL B 354 -10.54 3.72 0.17
N VAL B 355 -9.70 4.52 -0.48
CA VAL B 355 -10.16 5.59 -1.37
C VAL B 355 -9.75 5.31 -2.83
N LEU B 356 -10.70 5.45 -3.76
CA LEU B 356 -10.42 5.34 -5.19
C LEU B 356 -10.66 6.68 -5.86
N SER B 357 -9.64 7.19 -6.54
CA SER B 357 -9.75 8.48 -7.22
C SER B 357 -10.38 8.29 -8.59
N HIS B 358 -11.08 9.31 -9.07
CA HIS B 358 -11.64 9.27 -10.42
C HIS B 358 -11.06 10.40 -11.27
N ASN B 359 -10.15 10.01 -12.17
CA ASN B 359 -9.37 10.95 -12.95
C ASN B 359 -10.18 12.00 -13.70
N THR B 360 -11.36 11.61 -14.21
CA THR B 360 -12.22 12.53 -14.96
C THR B 360 -12.59 13.77 -14.14
N ILE B 361 -12.79 13.60 -12.84
CA ILE B 361 -13.19 14.69 -11.96
C ILE B 361 -11.99 15.37 -11.28
N ILE B 362 -11.13 14.58 -10.64
CA ILE B 362 -10.09 15.14 -9.78
C ILE B 362 -8.69 15.14 -10.38
N GLY B 363 -8.55 14.51 -11.54
CA GLY B 363 -7.33 14.62 -12.34
C GLY B 363 -7.14 16.03 -12.88
N ALA B 364 -5.96 16.28 -13.43
CA ALA B 364 -5.52 17.63 -13.81
C ALA B 364 -6.48 18.37 -14.74
N ALA B 365 -6.94 17.67 -15.79
CA ALA B 365 -7.83 18.26 -16.78
C ALA B 365 -9.19 18.57 -16.18
N GLY B 366 -9.80 17.58 -15.54
CA GLY B 366 -11.10 17.75 -14.90
C GLY B 366 -11.10 18.80 -13.80
N ALA B 367 -10.04 18.82 -13.02
CA ALA B 367 -9.87 19.83 -11.96
C ALA B 367 -9.72 21.22 -12.55
N GLY B 368 -8.90 21.33 -13.61
CA GLY B 368 -8.67 22.60 -14.30
C GLY B 368 -9.94 23.20 -14.90
N ILE B 369 -10.74 22.37 -15.54
CA ILE B 369 -12.02 22.83 -16.11
C ILE B 369 -12.94 23.35 -15.02
N LEU B 370 -13.02 22.62 -13.91
CA LEU B 370 -13.86 23.04 -12.78
C LEU B 370 -13.40 24.38 -12.18
N ILE B 371 -12.09 24.58 -12.08
CA ILE B 371 -11.54 25.86 -11.60
C ILE B 371 -11.98 26.98 -12.55
N ALA B 372 -11.82 26.73 -13.85
CA ALA B 372 -12.26 27.69 -14.87
C ALA B 372 -13.76 27.97 -14.79
N GLU B 373 -14.55 26.93 -14.46
CA GLU B 373 -15.99 27.10 -14.25
C GLU B 373 -16.30 28.00 -13.06
N ILE B 374 -15.55 27.83 -11.97
CA ILE B 374 -15.69 28.70 -10.79
C ILE B 374 -15.25 30.12 -11.11
N LEU B 375 -14.09 30.26 -11.74
CA LEU B 375 -13.59 31.55 -12.19
C LEU B 375 -14.63 32.30 -13.04
N LYS B 376 -15.29 31.56 -13.94
CA LYS B 376 -16.31 32.13 -14.83
C LYS B 376 -17.60 32.50 -14.09
N ALA B 377 -18.01 31.67 -13.13
CA ALA B 377 -19.22 31.92 -12.34
C ALA B 377 -19.06 33.12 -11.42
N LYS B 378 -17.85 33.30 -10.89
CA LYS B 378 -17.55 34.39 -9.98
C LYS B 378 -17.13 35.69 -10.70
N ASN B 379 -17.30 35.70 -12.03
CA ASN B 379 -16.95 36.85 -12.87
C ASN B 379 -15.47 37.27 -12.87
N ILE B 380 -14.59 36.35 -12.49
CA ILE B 380 -13.15 36.59 -12.57
C ILE B 380 -12.65 36.23 -13.97
N ILE B 381 -13.36 35.29 -14.60
CA ILE B 381 -13.17 34.92 -16.02
C ILE B 381 -11.72 34.68 -16.43
#